data_5FI4
#
_entry.id   5FI4
#
_cell.length_a   105.200
_cell.length_b   105.320
_cell.length_c   134.390
_cell.angle_alpha   90.00
_cell.angle_beta   90.00
_cell.angle_gamma   90.00
#
_symmetry.space_group_name_H-M   'P 21 21 21'
#
loop_
_entity.id
_entity.type
_entity.pdbx_description
1 polymer 'Phosphatidylinositol 4,5-bisphosphate 3-kinase catalytic subunit alpha isoform'
2 polymer 'Phosphatidylinositol 3-kinase regulatory subunit alpha'
3 non-polymer GLYCEROL
4 non-polymer ~{N}-[6-[5-azanyl-6-[(2~{S})-1,1,1-tris(fluoranyl)propan-2-yl]oxy-pyrazin-2-yl]imidazo[1,2-a]pyridin-2-yl]ethanamide
5 water water
#
loop_
_entity_poly.entity_id
_entity_poly.type
_entity_poly.pdbx_seq_one_letter_code
_entity_poly.pdbx_strand_id
1 'polypeptide(L)'
;MPPRPSSGELWGIHLMPPRILVECLLPNGMIVTLECLREATLITIKHELFKEARKYPLHQLLQDESSYIFVSVTQEAERE
EFFDETRRLCDLRLFQPFLKVIEPVGNREEKILNREIGFAIGMPVCEFDMVKDPEVQDFRRNILNVCKEAVDLRDLNSPH
SRAMYVYPPNVESSPELPKHIYNKLDKGQIIVVIWVIVSPNNDKQKYTLKINHDCVPEQVIAEAIRKKTRSKKLSSEQLK
LCVLEYQGKYILKVCGCDEYFLEKYPLSQYKYIRSCIMLGRMPNLMLMAKESLYSQLPMDCFTMPSYSRRISTATPYMNG
ETSTKSLWVINSALRIKILCATYVNVNIRDIDKIYVRTGIYHGGEPLCDNVNTQRVPCSNPRWNEWLNYDIYIPDLPRAA
RLCLSICSVKGRKGAKEEHCPLAWGNINLFDYTDTLVSGKMALNLWPVPHGLEDLLNPIGVTGSNPNKETPCLELEFDWF
SSVVKFPDMSVIEEHANWSVSREAGFSYSHAGLSNRLARDNELRENDKEQLKAISTRDPLSEITEQEKDFLWSHRHYCVT
IPEILPKLLLSVKWNSRDEVAQMYCLVKDWPPIKPEQAMELLDCNYPDPMVRGFAVRCLEKYLTDDKLSQYLIQLVQVLK
YEQYLDNLLVRFLLKKALTNQRIGHFFFWHLKSEMHNKTVSQRFGLLLESYCRACGMYLKHLNRQVEAMEKLINLTDILK
QEKKDETQKVQMKFLVEQMRRPDFMDALQGFLSPLNPAHQLGNLRLEECRIMSSAKRPLWLNWENPDIMSELLFQNNEII
FKNGDDLRQDMLTLQIIRIMENIWQNQGLDLRMLPYGCLSIGDCVGLIEVVRNSHTIMQIQCKGGLKGALQFNSHTLHQW
LKDKNKGEIYDAAIDLFTRSCAGYCVATFILGIGDRHNSNIMVKDDGQLFHIDFGHFLDHKKKKFGYKRERVPFVLTQDF
LIVISKGAQECTKTREFERFQEMCYKAYLAIRQHANLFINLFSMMLGSGMPELQSFDDIAYIRKTLALDKTEQEALEYFM
KQMNDAHHGGWTTKMDWIFHTIKQHALNHHHHHH
;
A
2 'polypeptide(L)'
;MEYMPMEHNLQYLPPKPPKPTTVANNGMNNNMSLQDAEWYWGDISREEVNEKLRDTADGTFLVRDASTKMHGDYTLTLRK
GGNNKLIKIFHRDGKYGFSDPLTFSSVVELINHYRNESLAQYNPKLDVKLLYPVSKYQQDQVVKEDNIEAVGKKLHEYNT
QFQEKSREYDRLYEEYTRTSQEIQMKRTAIEAFNETIKIFEEQCQTQERYSKEYIEKFKREGNEKEIQRIMHNYDKLKSR
ISEIIDSRRRLEEDLKKQAAEYREIDKRMNSIKPDLIQLRKTRDQYLMWLTQKGVRQKKLNEWLGNENTEDQYSLVEDDE
DLP
;
B
#
# COMPACT_ATOMS: atom_id res chain seq x y z
N PRO A 2 3.54 -3.86 22.78
CA PRO A 2 3.57 -3.54 21.35
C PRO A 2 3.18 -4.76 20.48
N PRO A 3 3.06 -4.66 19.13
CA PRO A 3 2.69 -5.85 18.33
C PRO A 3 3.47 -7.14 18.59
N ARG A 4 2.82 -8.29 18.35
CA ARG A 4 3.41 -9.63 18.51
C ARG A 4 4.60 -9.85 17.54
N PRO A 5 5.71 -10.43 18.05
CA PRO A 5 6.87 -10.75 17.18
C PRO A 5 6.52 -11.77 16.08
N SER A 6 5.85 -12.88 16.49
CA SER A 6 5.45 -14.02 15.68
C SER A 6 3.95 -14.39 15.92
N SER A 7 3.48 -15.52 15.34
CA SER A 7 2.12 -16.01 15.53
C SER A 7 2.15 -17.31 16.38
N GLY A 8 3.22 -17.50 17.15
CA GLY A 8 3.40 -18.68 17.98
C GLY A 8 2.44 -18.80 19.15
N GLU A 9 2.34 -20.00 19.71
CA GLU A 9 1.47 -20.30 20.85
C GLU A 9 2.07 -19.80 22.18
N LEU A 10 3.42 -19.62 22.23
CA LEU A 10 4.21 -19.08 23.35
C LEU A 10 5.37 -18.29 22.78
N TRP A 11 6.06 -17.51 23.61
CA TRP A 11 7.26 -16.79 23.15
C TRP A 11 8.40 -17.79 22.91
N GLY A 12 8.99 -17.72 21.71
CA GLY A 12 10.07 -18.59 21.25
C GLY A 12 9.63 -20.02 20.95
N ILE A 13 8.30 -20.29 20.92
CA ILE A 13 7.71 -21.62 20.68
C ILE A 13 6.45 -21.47 19.82
N HIS A 14 6.56 -21.85 18.54
CA HIS A 14 5.46 -21.80 17.57
C HIS A 14 4.25 -22.64 18.02
N LEU A 15 4.47 -23.90 18.42
CA LEU A 15 3.40 -24.81 18.88
C LEU A 15 3.68 -25.33 20.24
N MET A 16 2.65 -25.36 21.08
CA MET A 16 2.68 -25.95 22.40
C MET A 16 2.69 -27.46 22.21
N PRO A 17 3.39 -28.25 23.06
CA PRO A 17 3.34 -29.71 22.90
C PRO A 17 1.91 -30.19 23.24
N PRO A 18 1.47 -31.44 22.93
CA PRO A 18 0.06 -31.81 23.23
C PRO A 18 -0.39 -31.58 24.68
N ARG A 19 0.54 -31.74 25.63
CA ARG A 19 0.34 -31.54 27.07
C ARG A 19 1.40 -30.59 27.51
N ILE A 20 1.03 -29.64 28.33
CA ILE A 20 1.94 -28.61 28.80
C ILE A 20 1.68 -28.33 30.27
N LEU A 21 2.75 -27.99 31.00
CA LEU A 21 2.60 -27.61 32.41
C LEU A 21 2.36 -26.12 32.44
N VAL A 22 1.34 -25.70 33.18
CA VAL A 22 0.98 -24.30 33.32
C VAL A 22 1.08 -23.93 34.80
N GLU A 23 1.79 -22.81 35.09
CA GLU A 23 1.90 -22.30 36.45
C GLU A 23 0.63 -21.54 36.75
N CYS A 24 -0.10 -21.98 37.78
CA CYS A 24 -1.33 -21.32 38.17
C CYS A 24 -1.14 -20.62 39.50
N LEU A 25 -1.37 -19.30 39.51
CA LEU A 25 -1.20 -18.45 40.68
C LEU A 25 -2.53 -18.17 41.38
N LEU A 26 -2.83 -18.97 42.40
CA LEU A 26 -4.05 -18.86 43.22
C LEU A 26 -4.15 -17.57 44.01
N PRO A 27 -5.38 -17.06 44.25
CA PRO A 27 -5.51 -15.77 44.96
C PRO A 27 -5.08 -15.79 46.44
N ASN A 28 -4.75 -16.98 47.00
CA ASN A 28 -4.28 -17.11 48.38
C ASN A 28 -2.73 -17.08 48.43
N GLY A 29 -2.13 -16.75 47.29
CA GLY A 29 -0.68 -16.65 47.12
C GLY A 29 -0.03 -17.96 46.76
N MET A 30 -0.77 -19.05 46.73
CA MET A 30 -0.23 -20.34 46.34
C MET A 30 -0.05 -20.47 44.82
N ILE A 31 0.78 -21.44 44.42
CA ILE A 31 1.15 -21.81 43.05
C ILE A 31 0.93 -23.33 42.83
N VAL A 32 0.15 -23.66 41.80
CA VAL A 32 -0.16 -25.04 41.42
C VAL A 32 0.28 -25.18 39.97
N THR A 33 1.19 -26.12 39.69
CA THR A 33 1.65 -26.44 38.33
C THR A 33 0.65 -27.48 37.84
N LEU A 34 -0.15 -27.10 36.83
CA LEU A 34 -1.19 -27.96 36.27
C LEU A 34 -0.80 -28.47 34.90
N GLU A 35 -0.95 -29.77 34.66
CA GLU A 35 -0.68 -30.30 33.34
C GLU A 35 -2.00 -30.13 32.58
N CYS A 36 -1.95 -29.36 31.47
CA CYS A 36 -3.11 -29.06 30.61
C CYS A 36 -2.90 -29.57 29.20
N LEU A 37 -4.01 -29.85 28.49
CA LEU A 37 -3.96 -30.17 27.06
C LEU A 37 -3.84 -28.81 26.37
N ARG A 38 -3.02 -28.70 25.33
CA ARG A 38 -2.83 -27.41 24.66
C ARG A 38 -4.13 -26.77 24.14
N GLU A 39 -5.09 -27.60 23.70
CA GLU A 39 -6.39 -27.23 23.17
C GLU A 39 -7.50 -27.13 24.25
N ALA A 40 -7.20 -27.41 25.52
CA ALA A 40 -8.25 -27.28 26.55
C ALA A 40 -8.75 -25.81 26.69
N THR A 41 -10.03 -25.65 27.01
CA THR A 41 -10.61 -24.34 27.21
C THR A 41 -10.27 -23.85 28.61
N LEU A 42 -10.45 -22.56 28.87
CA LEU A 42 -10.20 -22.00 30.19
C LEU A 42 -11.21 -22.49 31.24
N ILE A 43 -12.45 -22.87 30.80
CA ILE A 43 -13.51 -23.44 31.66
C ILE A 43 -12.94 -24.73 32.27
N THR A 44 -12.41 -25.62 31.41
CA THR A 44 -11.79 -26.90 31.75
C THR A 44 -10.59 -26.70 32.69
N ILE A 45 -9.62 -25.84 32.29
CA ILE A 45 -8.42 -25.53 33.07
C ILE A 45 -8.79 -24.97 34.45
N LYS A 46 -9.78 -24.07 34.54
CA LYS A 46 -10.21 -23.51 35.82
C LYS A 46 -10.88 -24.56 36.70
N HIS A 47 -11.70 -25.47 36.13
CA HIS A 47 -12.36 -26.53 36.91
C HIS A 47 -11.31 -27.52 37.44
N GLU A 48 -10.43 -28.01 36.56
CA GLU A 48 -9.33 -28.91 36.93
C GLU A 48 -8.36 -28.27 37.97
N LEU A 49 -8.22 -26.94 37.96
CA LEU A 49 -7.36 -26.20 38.90
C LEU A 49 -8.00 -26.16 40.30
N PHE A 50 -9.28 -25.74 40.38
CA PHE A 50 -10.00 -25.61 41.65
C PHE A 50 -10.26 -26.96 42.34
N LYS A 51 -10.26 -28.07 41.57
CA LYS A 51 -10.36 -29.43 42.11
C LYS A 51 -9.05 -29.70 42.86
N GLU A 52 -7.91 -29.55 42.15
CA GLU A 52 -6.52 -29.71 42.60
C GLU A 52 -6.14 -28.78 43.75
N ALA A 53 -6.59 -27.51 43.73
CA ALA A 53 -6.33 -26.46 44.75
C ALA A 53 -6.68 -26.87 46.19
N ARG A 54 -7.55 -27.89 46.34
CA ARG A 54 -7.98 -28.41 47.64
C ARG A 54 -6.93 -29.36 48.24
N LYS A 55 -5.98 -29.81 47.41
CA LYS A 55 -4.84 -30.66 47.82
C LYS A 55 -3.64 -29.78 48.20
N TYR A 56 -3.88 -28.44 48.32
CA TYR A 56 -2.87 -27.42 48.60
C TYR A 56 -3.21 -26.55 49.83
N PRO A 57 -2.21 -26.03 50.59
CA PRO A 57 -2.52 -25.22 51.77
C PRO A 57 -3.34 -23.98 51.50
N LEU A 58 -4.03 -23.50 52.53
CA LEU A 58 -4.91 -22.32 52.56
C LEU A 58 -6.13 -22.45 51.60
N HIS A 59 -6.49 -23.69 51.18
CA HIS A 59 -7.61 -23.97 50.27
C HIS A 59 -8.93 -23.38 50.73
N GLN A 60 -9.12 -23.27 52.06
CA GLN A 60 -10.29 -22.68 52.72
C GLN A 60 -10.50 -21.20 52.35
N LEU A 61 -9.41 -20.48 52.03
CA LEU A 61 -9.46 -19.06 51.66
C LEU A 61 -10.00 -18.80 50.22
N LEU A 62 -10.19 -19.87 49.43
CA LEU A 62 -10.65 -19.75 48.04
C LEU A 62 -12.16 -19.77 47.90
N GLN A 63 -12.69 -18.75 47.17
CA GLN A 63 -14.11 -18.59 46.84
C GLN A 63 -14.52 -19.67 45.85
N ASP A 64 -15.79 -19.64 45.42
CA ASP A 64 -16.30 -20.59 44.43
C ASP A 64 -15.51 -20.39 43.13
N GLU A 65 -15.14 -21.47 42.49
CA GLU A 65 -14.47 -21.52 41.20
C GLU A 65 -15.03 -20.48 40.20
N SER A 66 -16.36 -20.19 40.26
CA SER A 66 -17.06 -19.27 39.36
C SER A 66 -16.96 -17.80 39.70
N SER A 67 -16.32 -17.45 40.85
CA SER A 67 -16.15 -16.05 41.29
C SER A 67 -14.92 -15.41 40.60
N TYR A 68 -14.15 -16.24 39.90
CA TYR A 68 -12.90 -15.82 39.29
C TYR A 68 -12.80 -16.03 37.81
N ILE A 69 -11.84 -15.31 37.19
CA ILE A 69 -11.36 -15.43 35.82
C ILE A 69 -9.80 -15.54 35.89
N PHE A 70 -9.17 -15.72 34.72
CA PHE A 70 -7.73 -15.81 34.57
C PHE A 70 -7.21 -14.52 33.90
N VAL A 71 -5.97 -14.16 34.26
CA VAL A 71 -5.18 -13.04 33.75
C VAL A 71 -3.79 -13.62 33.49
N SER A 72 -3.12 -13.13 32.44
CA SER A 72 -1.76 -13.52 32.08
C SER A 72 -1.15 -12.45 31.22
N VAL A 73 0.15 -12.56 30.96
CA VAL A 73 0.91 -11.67 30.09
C VAL A 73 0.91 -12.33 28.69
N THR A 74 0.50 -11.55 27.67
CA THR A 74 0.43 -11.97 26.28
C THR A 74 1.72 -11.57 25.60
N GLN A 75 1.95 -12.09 24.38
CA GLN A 75 3.14 -11.83 23.59
C GLN A 75 3.28 -10.34 23.20
N GLU A 76 2.19 -9.58 23.37
CA GLU A 76 2.20 -8.15 23.11
C GLU A 76 2.67 -7.40 24.34
N ALA A 77 3.09 -8.14 25.40
CA ALA A 77 3.56 -7.64 26.69
C ALA A 77 2.40 -7.00 27.50
N GLU A 78 1.17 -7.37 27.15
CA GLU A 78 -0.05 -6.87 27.80
C GLU A 78 -0.59 -7.89 28.79
N ARG A 79 -1.21 -7.37 29.84
CA ARG A 79 -1.87 -8.10 30.90
C ARG A 79 -3.33 -8.21 30.47
N GLU A 80 -3.72 -9.41 30.03
CA GLU A 80 -5.04 -9.67 29.48
C GLU A 80 -5.93 -10.47 30.41
N GLU A 81 -7.14 -9.94 30.67
CA GLU A 81 -8.18 -10.56 31.52
C GLU A 81 -9.01 -11.42 30.61
N PHE A 82 -9.03 -12.70 30.86
CA PHE A 82 -9.71 -13.66 29.99
C PHE A 82 -11.14 -13.91 30.37
N PHE A 83 -12.02 -12.98 30.02
CA PHE A 83 -13.47 -13.04 30.29
C PHE A 83 -14.19 -14.13 29.50
N ASP A 84 -13.69 -14.46 28.32
CA ASP A 84 -14.24 -15.50 27.44
C ASP A 84 -13.47 -16.76 27.74
N GLU A 85 -14.01 -17.57 28.65
CA GLU A 85 -13.41 -18.82 29.10
C GLU A 85 -13.61 -19.97 28.10
N THR A 86 -14.31 -19.72 26.96
CA THR A 86 -14.47 -20.75 25.93
C THR A 86 -13.25 -20.82 25.03
N ARG A 87 -12.33 -19.85 25.16
CA ARG A 87 -11.07 -19.80 24.40
C ARG A 87 -10.11 -20.88 24.89
N ARG A 88 -9.36 -21.47 23.96
CA ARG A 88 -8.38 -22.54 24.21
C ARG A 88 -7.06 -21.94 24.60
N LEU A 89 -6.28 -22.69 25.41
CA LEU A 89 -4.96 -22.29 25.91
C LEU A 89 -3.99 -21.94 24.76
N CYS A 90 -4.01 -22.73 23.65
CA CYS A 90 -3.16 -22.50 22.48
C CYS A 90 -3.46 -21.17 21.74
N ASP A 91 -4.66 -20.58 21.98
CA ASP A 91 -5.14 -19.35 21.32
C ASP A 91 -5.08 -18.08 22.18
N LEU A 92 -4.45 -18.14 23.35
CA LEU A 92 -4.39 -16.99 24.25
C LEU A 92 -3.26 -16.03 23.92
N ARG A 93 -2.34 -16.46 23.06
CA ARG A 93 -1.12 -15.74 22.64
C ARG A 93 -0.27 -15.47 23.93
N LEU A 94 -0.19 -16.48 24.83
CA LEU A 94 0.57 -16.34 26.07
C LEU A 94 2.04 -16.09 25.82
N PHE A 95 2.68 -15.32 26.71
CA PHE A 95 4.11 -15.09 26.62
C PHE A 95 4.82 -16.33 27.18
N GLN A 96 4.44 -16.77 28.41
CA GLN A 96 4.96 -17.95 29.11
C GLN A 96 3.76 -18.78 29.58
N PRO A 97 3.89 -20.12 29.85
CA PRO A 97 2.71 -20.86 30.33
C PRO A 97 2.40 -20.61 31.80
N PHE A 98 1.69 -19.51 32.07
CA PHE A 98 1.26 -19.17 33.42
C PHE A 98 -0.11 -18.47 33.39
N LEU A 99 -0.88 -18.62 34.46
CA LEU A 99 -2.20 -18.01 34.58
C LEU A 99 -2.38 -17.56 36.00
N LYS A 100 -2.85 -16.35 36.19
CA LYS A 100 -3.11 -15.83 37.51
C LYS A 100 -4.62 -15.72 37.72
N VAL A 101 -5.09 -16.30 38.82
CA VAL A 101 -6.48 -16.29 39.23
C VAL A 101 -6.84 -14.98 39.93
N ILE A 102 -7.82 -14.27 39.38
CA ILE A 102 -8.33 -13.02 39.95
C ILE A 102 -9.86 -12.93 39.92
N GLU A 103 -10.41 -12.01 40.72
CA GLU A 103 -11.82 -11.67 40.71
C GLU A 103 -11.98 -10.57 39.64
N PRO A 104 -12.94 -10.71 38.70
CA PRO A 104 -13.12 -9.66 37.68
C PRO A 104 -13.53 -8.30 38.25
N VAL A 105 -12.79 -7.26 37.90
CA VAL A 105 -13.10 -5.89 38.32
C VAL A 105 -13.42 -5.09 37.05
N GLY A 106 -13.69 -3.80 37.23
CA GLY A 106 -13.93 -2.81 36.17
C GLY A 106 -15.07 -3.07 35.22
N ASN A 107 -15.12 -2.27 34.14
CA ASN A 107 -16.14 -2.35 33.09
C ASN A 107 -15.78 -3.49 32.14
N ARG A 108 -16.49 -4.62 32.30
CA ARG A 108 -16.34 -5.87 31.57
C ARG A 108 -16.51 -5.66 30.06
N GLU A 109 -17.62 -5.01 29.65
CA GLU A 109 -18.02 -4.74 28.26
C GLU A 109 -17.01 -3.90 27.48
N GLU A 110 -16.46 -2.86 28.15
CA GLU A 110 -15.42 -1.99 27.60
C GLU A 110 -14.15 -2.80 27.38
N LYS A 111 -13.66 -3.50 28.42
CA LYS A 111 -12.46 -4.34 28.40
C LYS A 111 -12.53 -5.41 27.32
N ILE A 112 -13.68 -6.07 27.16
CA ILE A 112 -13.90 -7.08 26.14
C ILE A 112 -13.82 -6.47 24.73
N LEU A 113 -14.53 -5.34 24.49
CA LEU A 113 -14.49 -4.64 23.20
C LEU A 113 -13.10 -4.16 22.85
N ASN A 114 -12.44 -3.51 23.79
CA ASN A 114 -11.09 -3.02 23.66
C ASN A 114 -10.10 -4.18 23.33
N ARG A 115 -10.39 -5.42 23.81
CA ARG A 115 -9.52 -6.56 23.55
C ARG A 115 -9.75 -7.06 22.12
N GLU A 116 -11.02 -7.06 21.68
CA GLU A 116 -11.43 -7.41 20.34
C GLU A 116 -10.84 -6.42 19.30
N ILE A 117 -10.81 -5.08 19.63
CA ILE A 117 -10.20 -4.07 18.76
C ILE A 117 -8.71 -4.32 18.73
N GLY A 118 -8.08 -4.51 19.88
CA GLY A 118 -6.65 -4.74 20.00
C GLY A 118 -6.13 -5.93 19.20
N PHE A 119 -6.93 -6.97 19.13
CA PHE A 119 -6.64 -8.19 18.41
C PHE A 119 -6.66 -7.95 16.90
N ALA A 120 -7.69 -7.23 16.43
CA ALA A 120 -7.90 -6.88 15.04
C ALA A 120 -6.82 -5.93 14.53
N ILE A 121 -6.51 -4.85 15.26
CA ILE A 121 -5.57 -3.85 14.74
C ILE A 121 -4.09 -4.30 14.94
N GLY A 122 -3.86 -5.35 15.71
CA GLY A 122 -2.52 -5.91 15.95
C GLY A 122 -1.68 -5.23 17.02
N MET A 123 -2.33 -4.61 18.01
CA MET A 123 -1.66 -3.91 19.11
C MET A 123 -2.63 -3.56 20.24
N PRO A 124 -2.18 -3.55 21.52
CA PRO A 124 -3.12 -3.21 22.60
C PRO A 124 -3.47 -1.72 22.59
N VAL A 125 -4.76 -1.46 22.64
CA VAL A 125 -5.40 -0.15 22.61
C VAL A 125 -4.93 0.74 23.80
N CYS A 126 -4.59 0.11 24.95
CA CYS A 126 -4.06 0.80 26.15
C CYS A 126 -2.76 1.56 25.89
N GLU A 127 -2.05 1.20 24.82
CA GLU A 127 -0.82 1.86 24.39
C GLU A 127 -1.04 3.27 23.87
N PHE A 128 -2.28 3.55 23.43
CA PHE A 128 -2.72 4.85 22.94
C PHE A 128 -3.03 5.79 24.09
N ASP A 129 -3.60 5.29 25.23
CA ASP A 129 -3.94 6.10 26.43
C ASP A 129 -2.69 6.73 27.00
N MET A 130 -1.56 6.03 26.82
CA MET A 130 -0.23 6.37 27.28
C MET A 130 0.33 7.60 26.57
N VAL A 131 0.27 7.61 25.22
CA VAL A 131 0.82 8.61 24.30
C VAL A 131 0.58 10.04 24.79
N LYS A 132 1.70 10.72 25.10
CA LYS A 132 1.76 12.08 25.61
C LYS A 132 1.44 13.10 24.54
N ASP A 133 1.76 12.81 23.25
CA ASP A 133 1.51 13.72 22.12
C ASP A 133 0.07 14.26 22.13
N PRO A 134 -0.12 15.59 22.32
CA PRO A 134 -1.48 16.16 22.34
C PRO A 134 -2.23 15.96 21.03
N GLU A 135 -1.51 15.86 19.91
CA GLU A 135 -2.11 15.63 18.59
C GLU A 135 -2.83 14.28 18.52
N VAL A 136 -2.20 13.27 19.14
CA VAL A 136 -2.70 11.92 19.22
C VAL A 136 -4.02 11.86 19.99
N GLN A 137 -4.01 12.39 21.25
CA GLN A 137 -5.17 12.38 22.15
C GLN A 137 -6.37 13.12 21.55
N ASP A 138 -6.07 14.19 20.82
CA ASP A 138 -7.00 15.03 20.08
C ASP A 138 -7.62 14.23 18.92
N PHE A 139 -6.81 13.47 18.14
CA PHE A 139 -7.35 12.64 17.06
C PHE A 139 -8.36 11.62 17.64
N ARG A 140 -7.98 10.89 18.69
CA ARG A 140 -8.82 9.89 19.35
C ARG A 140 -10.16 10.45 19.81
N ARG A 141 -10.22 11.71 20.27
CA ARG A 141 -11.50 12.27 20.71
C ARG A 141 -12.30 12.80 19.54
N ASN A 142 -11.69 13.63 18.70
CA ASN A 142 -12.39 14.30 17.60
C ASN A 142 -12.87 13.38 16.50
N ILE A 143 -12.22 12.22 16.32
CA ILE A 143 -12.62 11.32 15.26
C ILE A 143 -13.99 10.66 15.55
N LEU A 144 -14.33 10.58 16.84
CA LEU A 144 -15.57 9.99 17.33
C LEU A 144 -16.81 10.66 16.77
N ASN A 145 -16.66 11.92 16.34
CA ASN A 145 -17.72 12.67 15.68
C ASN A 145 -18.07 12.05 14.34
N VAL A 146 -17.04 11.54 13.62
CA VAL A 146 -17.17 10.84 12.32
C VAL A 146 -17.82 9.48 12.57
N CYS A 147 -17.41 8.81 13.62
CA CYS A 147 -17.99 7.53 14.03
C CYS A 147 -19.50 7.63 14.28
N LYS A 148 -19.92 8.56 15.19
CA LYS A 148 -21.31 8.83 15.55
C LYS A 148 -22.10 9.24 14.33
N GLU A 149 -21.55 10.17 13.52
CA GLU A 149 -22.19 10.63 12.29
C GLU A 149 -22.53 9.41 11.36
N ALA A 150 -21.50 8.58 11.00
CA ALA A 150 -21.66 7.39 10.14
C ALA A 150 -22.63 6.33 10.67
N VAL A 151 -22.63 6.08 11.99
CA VAL A 151 -23.53 5.12 12.67
C VAL A 151 -24.98 5.61 12.57
N ASP A 152 -25.20 6.93 12.78
CA ASP A 152 -26.53 7.55 12.68
C ASP A 152 -27.10 7.42 11.28
N LEU A 153 -26.28 7.71 10.25
CA LEU A 153 -26.64 7.63 8.82
C LEU A 153 -26.97 6.19 8.39
N ARG A 154 -26.31 5.22 9.03
CA ARG A 154 -26.49 3.79 8.85
C ARG A 154 -27.78 3.29 9.55
N ASP A 155 -28.07 3.77 10.79
CA ASP A 155 -29.23 3.35 11.57
C ASP A 155 -30.47 4.27 11.36
N LEU A 156 -30.44 5.11 10.31
CA LEU A 156 -31.47 6.08 9.98
C LEU A 156 -32.73 5.45 9.43
N ASN A 157 -32.59 4.75 8.29
CA ASN A 157 -33.69 4.09 7.57
C ASN A 157 -33.69 2.57 7.87
N SER A 158 -33.50 2.20 9.15
CA SER A 158 -33.44 0.80 9.59
C SER A 158 -34.78 0.08 9.28
N PRO A 159 -34.77 -1.16 8.75
CA PRO A 159 -33.60 -2.03 8.48
C PRO A 159 -32.95 -1.90 7.10
N HIS A 160 -33.60 -1.21 6.12
CA HIS A 160 -33.05 -1.03 4.76
C HIS A 160 -31.68 -0.34 4.72
N SER A 161 -31.47 0.67 5.56
CA SER A 161 -30.21 1.39 5.60
C SER A 161 -29.11 0.52 6.23
N ARG A 162 -29.51 -0.42 7.12
CA ARG A 162 -28.62 -1.35 7.81
C ARG A 162 -28.18 -2.46 6.85
N ALA A 163 -29.12 -2.92 5.98
CA ALA A 163 -28.88 -3.95 4.97
C ALA A 163 -27.96 -3.43 3.86
N MET A 164 -28.13 -2.15 3.46
CA MET A 164 -27.35 -1.46 2.42
C MET A 164 -25.90 -1.25 2.91
N TYR A 165 -25.71 -1.17 4.24
CA TYR A 165 -24.39 -1.03 4.85
C TYR A 165 -23.60 -2.32 4.69
N VAL A 166 -24.20 -3.46 5.13
CA VAL A 166 -23.63 -4.80 5.07
C VAL A 166 -23.52 -5.33 3.64
N TYR A 167 -24.58 -5.15 2.85
CA TYR A 167 -24.67 -5.63 1.45
C TYR A 167 -24.89 -4.47 0.47
N PRO A 168 -23.81 -3.68 0.19
CA PRO A 168 -23.97 -2.55 -0.72
C PRO A 168 -24.12 -3.03 -2.16
N PRO A 169 -24.82 -2.24 -3.01
CA PRO A 169 -24.96 -2.63 -4.42
C PRO A 169 -23.61 -2.60 -5.15
N ASN A 170 -23.21 -3.71 -5.79
CA ASN A 170 -21.97 -3.81 -6.54
C ASN A 170 -22.36 -3.46 -7.97
N VAL A 171 -22.32 -2.16 -8.25
CA VAL A 171 -22.75 -1.57 -9.52
C VAL A 171 -21.66 -0.79 -10.25
N GLU A 172 -21.81 -0.66 -11.57
CA GLU A 172 -20.92 0.15 -12.39
C GLU A 172 -21.25 1.62 -12.10
N SER A 173 -20.34 2.53 -12.45
CA SER A 173 -20.48 3.96 -12.23
C SER A 173 -21.57 4.64 -13.07
N SER A 174 -22.02 3.98 -14.16
CA SER A 174 -23.00 4.49 -15.14
C SER A 174 -23.99 3.42 -15.62
N PRO A 175 -25.28 3.78 -15.86
CA PRO A 175 -26.23 2.81 -16.42
C PRO A 175 -26.01 2.57 -17.92
N GLU A 176 -25.26 3.48 -18.58
CA GLU A 176 -24.94 3.43 -20.02
C GLU A 176 -24.21 2.15 -20.40
N LEU A 177 -24.78 1.44 -21.36
CA LEU A 177 -24.24 0.20 -21.86
C LEU A 177 -23.48 0.44 -23.14
N PRO A 178 -22.21 -0.04 -23.24
CA PRO A 178 -21.45 0.15 -24.50
C PRO A 178 -22.10 -0.60 -25.65
N LYS A 179 -21.88 -0.10 -26.89
CA LYS A 179 -22.42 -0.63 -28.14
C LYS A 179 -22.28 -2.15 -28.28
N HIS A 180 -21.08 -2.71 -28.03
CA HIS A 180 -20.85 -4.16 -28.12
C HIS A 180 -21.60 -4.96 -27.05
N ILE A 181 -21.90 -4.33 -25.89
CA ILE A 181 -22.63 -4.94 -24.77
C ILE A 181 -24.11 -5.01 -25.09
N TYR A 182 -24.70 -3.86 -25.51
CA TYR A 182 -26.10 -3.75 -25.88
C TYR A 182 -26.47 -4.68 -27.05
N ASN A 183 -25.55 -4.87 -28.01
CA ASN A 183 -25.76 -5.75 -29.16
C ASN A 183 -25.76 -7.21 -28.78
N LYS A 184 -25.15 -7.55 -27.63
CA LYS A 184 -25.10 -8.91 -27.12
C LYS A 184 -26.46 -9.32 -26.56
N LEU A 185 -27.31 -8.31 -26.24
CA LEU A 185 -28.68 -8.50 -25.78
C LEU A 185 -29.62 -8.78 -26.99
N ASP A 186 -30.75 -9.48 -26.72
CA ASP A 186 -31.81 -9.76 -27.71
C ASP A 186 -32.75 -8.54 -27.70
N LYS A 187 -32.53 -7.59 -28.62
CA LYS A 187 -33.30 -6.35 -28.78
C LYS A 187 -33.43 -5.54 -27.46
N GLY A 188 -32.32 -5.50 -26.70
CA GLY A 188 -32.21 -4.81 -25.42
C GLY A 188 -32.78 -5.57 -24.23
N GLN A 189 -32.91 -6.91 -24.39
CA GLN A 189 -33.50 -7.80 -23.39
C GLN A 189 -32.58 -8.93 -22.93
N ILE A 190 -32.61 -9.20 -21.62
CA ILE A 190 -31.81 -10.23 -20.95
C ILE A 190 -32.69 -11.41 -20.47
N ILE A 191 -32.16 -12.64 -20.61
CA ILE A 191 -32.75 -13.89 -20.15
C ILE A 191 -32.13 -14.18 -18.76
N VAL A 192 -32.90 -13.97 -17.69
CA VAL A 192 -32.47 -14.20 -16.30
C VAL A 192 -33.13 -15.45 -15.68
N VAL A 193 -32.38 -16.20 -14.86
CA VAL A 193 -32.95 -17.34 -14.16
C VAL A 193 -33.15 -16.94 -12.70
N ILE A 194 -34.43 -16.92 -12.24
CA ILE A 194 -34.79 -16.60 -10.86
C ILE A 194 -35.14 -17.90 -10.12
N TRP A 195 -34.34 -18.20 -9.10
CA TRP A 195 -34.45 -19.38 -8.28
C TRP A 195 -35.17 -19.11 -6.99
N VAL A 196 -35.90 -20.11 -6.50
CA VAL A 196 -36.61 -20.04 -5.23
C VAL A 196 -36.35 -21.32 -4.43
N ILE A 197 -36.03 -21.15 -3.14
CA ILE A 197 -35.79 -22.26 -2.24
C ILE A 197 -37.12 -22.49 -1.51
N VAL A 198 -37.84 -23.52 -1.98
CA VAL A 198 -39.19 -23.90 -1.57
C VAL A 198 -39.19 -24.77 -0.30
N SER A 199 -39.95 -24.34 0.72
CA SER A 199 -40.11 -25.09 1.97
C SER A 199 -41.01 -26.36 1.74
N PRO A 200 -40.91 -27.41 2.60
CA PRO A 200 -40.04 -27.55 3.78
C PRO A 200 -38.71 -28.25 3.48
N ASN A 201 -38.57 -28.79 2.24
CA ASN A 201 -37.42 -29.55 1.74
C ASN A 201 -36.27 -28.71 1.22
N ASN A 202 -36.46 -27.37 1.12
CA ASN A 202 -35.48 -26.44 0.57
C ASN A 202 -35.13 -26.88 -0.87
N ASP A 203 -36.19 -27.16 -1.66
CA ASP A 203 -36.15 -27.58 -3.05
C ASP A 203 -36.01 -26.37 -3.95
N LYS A 204 -35.13 -26.46 -4.95
CA LYS A 204 -34.79 -25.38 -5.89
C LYS A 204 -35.66 -25.41 -7.16
N GLN A 205 -36.40 -24.31 -7.37
CA GLN A 205 -37.30 -24.10 -8.49
C GLN A 205 -36.85 -22.94 -9.41
N LYS A 206 -36.71 -23.25 -10.71
CA LYS A 206 -36.32 -22.37 -11.82
C LYS A 206 -37.49 -21.49 -12.28
N TYR A 207 -37.15 -20.34 -12.88
CA TYR A 207 -38.08 -19.37 -13.47
C TYR A 207 -37.26 -18.57 -14.45
N THR A 208 -37.33 -18.90 -15.74
CA THR A 208 -36.57 -18.13 -16.71
C THR A 208 -37.42 -16.90 -17.09
N LEU A 209 -36.80 -15.71 -17.10
CA LEU A 209 -37.50 -14.47 -17.43
C LEU A 209 -36.76 -13.68 -18.49
N LYS A 210 -37.49 -13.16 -19.51
CA LYS A 210 -36.92 -12.30 -20.55
C LYS A 210 -37.44 -10.92 -20.24
N ILE A 211 -36.54 -10.02 -19.85
CA ILE A 211 -36.89 -8.66 -19.41
C ILE A 211 -35.91 -7.64 -19.95
N ASN A 212 -36.30 -6.34 -19.93
CA ASN A 212 -35.43 -5.23 -20.34
C ASN A 212 -34.19 -5.22 -19.43
N HIS A 213 -33.00 -4.96 -20.00
CA HIS A 213 -31.75 -4.90 -19.28
C HIS A 213 -31.80 -3.83 -18.17
N ASP A 214 -32.50 -2.72 -18.42
CA ASP A 214 -32.64 -1.56 -17.52
C ASP A 214 -33.75 -1.71 -16.47
N CYS A 215 -34.33 -2.93 -16.34
CA CYS A 215 -35.33 -3.26 -15.34
C CYS A 215 -34.73 -3.17 -13.97
N VAL A 216 -35.39 -2.41 -13.12
CA VAL A 216 -35.05 -2.18 -11.72
C VAL A 216 -35.27 -3.52 -10.96
N PRO A 217 -34.55 -3.83 -9.85
CA PRO A 217 -34.74 -5.14 -9.19
C PRO A 217 -36.20 -5.45 -8.83
N GLU A 218 -36.99 -4.43 -8.41
CA GLU A 218 -38.41 -4.58 -8.08
C GLU A 218 -39.21 -5.04 -9.32
N GLN A 219 -38.88 -4.48 -10.49
CA GLN A 219 -39.50 -4.84 -11.77
C GLN A 219 -39.23 -6.30 -12.12
N VAL A 220 -38.04 -6.82 -11.77
CA VAL A 220 -37.63 -8.21 -12.03
C VAL A 220 -38.46 -9.16 -11.13
N ILE A 221 -38.71 -8.73 -9.88
CA ILE A 221 -39.50 -9.48 -8.92
C ILE A 221 -40.95 -9.55 -9.42
N ALA A 222 -41.45 -8.43 -10.02
CA ALA A 222 -42.79 -8.32 -10.60
C ALA A 222 -42.96 -9.32 -11.75
N GLU A 223 -41.96 -9.46 -12.65
CA GLU A 223 -42.04 -10.47 -13.72
C GLU A 223 -42.09 -11.89 -13.14
N ALA A 224 -41.34 -12.15 -12.06
CA ALA A 224 -41.33 -13.46 -11.41
C ALA A 224 -42.67 -13.72 -10.71
N ILE A 225 -43.23 -12.69 -10.03
CA ILE A 225 -44.52 -12.74 -9.34
C ILE A 225 -45.66 -12.90 -10.35
N ARG A 226 -45.48 -12.37 -11.58
CA ARG A 226 -46.45 -12.48 -12.68
C ARG A 226 -46.35 -13.82 -13.42
N LYS A 227 -45.16 -14.44 -13.43
CA LYS A 227 -44.96 -15.74 -14.09
C LYS A 227 -45.30 -16.91 -13.15
N LYS A 228 -45.15 -16.71 -11.81
CA LYS A 228 -45.44 -17.74 -10.79
C LYS A 228 -46.92 -17.87 -10.48
N THR A 229 -47.78 -16.99 -11.04
CA THR A 229 -49.23 -17.04 -10.79
C THR A 229 -50.02 -17.18 -12.10
N ARG A 230 -49.95 -16.16 -12.98
CA ARG A 230 -50.66 -16.07 -14.24
C ARG A 230 -50.14 -17.05 -15.32
N SER A 231 -48.88 -16.85 -15.79
CA SER A 231 -48.26 -17.67 -16.84
C SER A 231 -46.75 -17.74 -16.66
N SER A 236 -57.33 -12.27 -12.61
CA SER A 236 -56.26 -12.01 -13.56
C SER A 236 -55.69 -10.57 -13.48
N GLU A 237 -56.11 -9.61 -14.35
CA GLU A 237 -55.59 -8.23 -14.44
C GLU A 237 -55.79 -7.34 -13.19
N GLN A 238 -57.03 -7.23 -12.66
CA GLN A 238 -57.33 -6.44 -11.46
C GLN A 238 -56.59 -7.04 -10.24
N LEU A 239 -56.41 -8.39 -10.26
CA LEU A 239 -55.72 -9.17 -9.24
C LEU A 239 -54.20 -9.06 -9.33
N LYS A 240 -53.60 -9.19 -10.56
CA LYS A 240 -52.16 -9.11 -10.85
C LYS A 240 -51.60 -7.80 -10.33
N LEU A 241 -52.26 -6.67 -10.67
CA LEU A 241 -51.88 -5.33 -10.20
C LEU A 241 -51.86 -5.29 -8.67
N CYS A 242 -52.89 -5.88 -8.01
CA CYS A 242 -53.01 -5.95 -6.55
C CYS A 242 -51.93 -6.86 -5.94
N VAL A 243 -51.66 -8.02 -6.57
CA VAL A 243 -50.67 -9.03 -6.17
C VAL A 243 -49.25 -8.42 -6.25
N LEU A 244 -48.86 -7.84 -7.43
CA LEU A 244 -47.55 -7.22 -7.67
C LEU A 244 -47.23 -6.07 -6.69
N GLU A 245 -48.21 -5.15 -6.49
CA GLU A 245 -48.08 -4.01 -5.58
C GLU A 245 -47.88 -4.46 -4.14
N TYR A 246 -48.68 -5.45 -3.68
CA TYR A 246 -48.58 -6.01 -2.33
C TYR A 246 -47.32 -6.86 -2.13
N GLN A 247 -46.87 -7.57 -3.19
CA GLN A 247 -45.71 -8.47 -3.16
C GLN A 247 -44.39 -7.86 -3.70
N GLY A 248 -44.00 -6.76 -3.07
CA GLY A 248 -42.73 -6.08 -3.31
C GLY A 248 -41.89 -6.22 -2.06
N LYS A 249 -42.15 -7.31 -1.31
CA LYS A 249 -41.54 -7.68 -0.03
C LYS A 249 -40.55 -8.88 -0.16
N TYR A 250 -39.85 -8.95 -1.29
CA TYR A 250 -38.82 -9.93 -1.61
C TYR A 250 -37.59 -9.17 -2.10
N ILE A 251 -36.44 -9.86 -2.16
CA ILE A 251 -35.18 -9.28 -2.65
C ILE A 251 -34.44 -10.26 -3.51
N LEU A 252 -33.56 -9.74 -4.37
CA LEU A 252 -32.76 -10.54 -5.29
C LEU A 252 -31.35 -10.61 -4.76
N LYS A 253 -30.73 -11.80 -4.89
CA LYS A 253 -29.38 -12.14 -4.44
C LYS A 253 -28.70 -12.96 -5.54
N VAL A 254 -27.37 -12.87 -5.64
CA VAL A 254 -26.62 -13.68 -6.60
C VAL A 254 -26.51 -15.09 -6.00
N CYS A 255 -26.81 -16.11 -6.81
CA CYS A 255 -26.72 -17.49 -6.40
C CYS A 255 -25.25 -17.83 -6.16
N GLY A 256 -24.96 -18.41 -5.00
CA GLY A 256 -23.62 -18.85 -4.64
C GLY A 256 -22.72 -17.86 -3.92
N CYS A 257 -23.18 -16.61 -3.67
CA CYS A 257 -22.39 -15.58 -2.96
C CYS A 257 -23.25 -14.50 -2.34
N ASP A 258 -22.69 -13.74 -1.38
CA ASP A 258 -23.41 -12.68 -0.66
C ASP A 258 -23.45 -11.31 -1.37
N GLU A 259 -23.94 -11.27 -2.63
CA GLU A 259 -24.16 -10.04 -3.39
C GLU A 259 -25.68 -9.89 -3.55
N TYR A 260 -26.24 -8.79 -3.03
CA TYR A 260 -27.67 -8.45 -3.02
C TYR A 260 -27.95 -7.30 -3.97
N PHE A 261 -29.23 -7.18 -4.42
CA PHE A 261 -29.72 -6.15 -5.36
C PHE A 261 -30.71 -5.33 -4.57
N LEU A 262 -30.21 -4.61 -3.56
CA LEU A 262 -30.99 -3.85 -2.58
C LEU A 262 -31.43 -2.44 -2.99
N GLU A 263 -30.78 -1.84 -4.02
CA GLU A 263 -31.07 -0.50 -4.55
C GLU A 263 -31.65 -0.54 -5.97
N LYS A 264 -32.46 0.47 -6.30
CA LYS A 264 -33.16 0.64 -7.57
C LYS A 264 -32.19 1.15 -8.65
N TYR A 265 -31.46 0.24 -9.25
CA TYR A 265 -30.52 0.51 -10.33
C TYR A 265 -30.94 -0.40 -11.47
N PRO A 266 -30.74 0.00 -12.75
CA PRO A 266 -31.01 -0.94 -13.85
C PRO A 266 -30.26 -2.25 -13.58
N LEU A 267 -30.94 -3.40 -13.72
CA LEU A 267 -30.35 -4.71 -13.51
C LEU A 267 -28.97 -4.86 -14.16
N SER A 268 -28.82 -4.34 -15.39
CA SER A 268 -27.58 -4.40 -16.19
C SER A 268 -26.44 -3.57 -15.61
N GLN A 269 -26.75 -2.58 -14.75
CA GLN A 269 -25.73 -1.74 -14.11
C GLN A 269 -25.02 -2.53 -12.99
N TYR A 270 -25.71 -3.53 -12.38
CA TYR A 270 -25.10 -4.39 -11.37
C TYR A 270 -24.04 -5.16 -12.09
N LYS A 271 -22.80 -5.08 -11.57
CA LYS A 271 -21.60 -5.69 -12.15
C LYS A 271 -21.75 -7.15 -12.52
N TYR A 272 -22.45 -7.95 -11.67
CA TYR A 272 -22.63 -9.39 -11.92
C TYR A 272 -23.40 -9.63 -13.23
N ILE A 273 -24.51 -8.88 -13.43
CA ILE A 273 -25.38 -8.92 -14.61
C ILE A 273 -24.59 -8.37 -15.80
N ARG A 274 -23.93 -7.21 -15.62
CA ARG A 274 -23.05 -6.60 -16.63
C ARG A 274 -22.00 -7.62 -17.11
N SER A 275 -21.39 -8.38 -16.18
CA SER A 275 -20.38 -9.42 -16.43
C SER A 275 -20.96 -10.62 -17.21
N CYS A 276 -22.22 -11.00 -16.92
CA CYS A 276 -22.95 -12.08 -17.59
C CYS A 276 -23.16 -11.79 -19.07
N ILE A 277 -23.60 -10.55 -19.42
CA ILE A 277 -23.82 -10.11 -20.80
C ILE A 277 -22.50 -10.22 -21.62
N MET A 278 -21.38 -9.65 -21.11
CA MET A 278 -20.06 -9.69 -21.79
C MET A 278 -19.60 -11.12 -22.01
N LEU A 279 -19.76 -11.99 -20.99
CA LEU A 279 -19.32 -13.38 -21.03
C LEU A 279 -20.26 -14.29 -21.81
N GLY A 280 -21.48 -13.81 -22.04
CA GLY A 280 -22.53 -14.57 -22.69
C GLY A 280 -23.00 -15.69 -21.79
N ARG A 281 -22.99 -15.43 -20.46
CA ARG A 281 -23.37 -16.36 -19.41
C ARG A 281 -24.77 -16.08 -18.88
N MET A 282 -25.43 -17.14 -18.40
CA MET A 282 -26.77 -17.09 -17.84
C MET A 282 -26.78 -16.52 -16.42
N PRO A 283 -27.44 -15.35 -16.18
CA PRO A 283 -27.50 -14.81 -14.80
C PRO A 283 -28.41 -15.61 -13.89
N ASN A 284 -27.84 -16.20 -12.81
CA ASN A 284 -28.56 -17.00 -11.80
C ASN A 284 -28.82 -16.20 -10.53
N LEU A 285 -30.06 -15.76 -10.37
CA LEU A 285 -30.48 -14.95 -9.24
C LEU A 285 -31.38 -15.76 -8.32
N MET A 286 -31.41 -15.37 -7.03
CA MET A 286 -32.19 -16.06 -6.02
C MET A 286 -33.18 -15.11 -5.37
N LEU A 287 -34.42 -15.56 -5.28
CA LEU A 287 -35.45 -14.77 -4.67
C LEU A 287 -35.69 -15.23 -3.25
N MET A 288 -35.50 -14.30 -2.32
CA MET A 288 -35.71 -14.54 -0.90
C MET A 288 -36.49 -13.37 -0.28
N ALA A 289 -37.28 -13.66 0.76
CA ALA A 289 -38.07 -12.65 1.45
C ALA A 289 -37.18 -11.65 2.16
N LYS A 290 -37.61 -10.36 2.21
CA LYS A 290 -36.88 -9.29 2.90
C LYS A 290 -36.73 -9.63 4.37
N GLU A 291 -37.76 -10.31 4.95
CA GLU A 291 -37.82 -10.70 6.36
C GLU A 291 -36.72 -11.72 6.71
N SER A 292 -36.41 -12.65 5.80
CA SER A 292 -35.37 -13.66 5.98
C SER A 292 -33.98 -13.00 6.10
N LEU A 293 -33.74 -11.95 5.28
CA LEU A 293 -32.48 -11.20 5.31
C LEU A 293 -32.43 -10.24 6.50
N TYR A 294 -33.46 -9.38 6.68
CA TYR A 294 -33.51 -8.40 7.77
C TYR A 294 -33.27 -9.01 9.15
N SER A 295 -33.73 -10.25 9.36
CA SER A 295 -33.59 -11.01 10.60
C SER A 295 -32.22 -11.75 10.72
N GLN A 296 -31.35 -11.61 9.70
CA GLN A 296 -30.00 -12.18 9.69
C GLN A 296 -28.98 -11.05 9.93
N LEU A 297 -29.50 -9.82 10.16
CA LEU A 297 -28.72 -8.61 10.40
C LEU A 297 -28.75 -8.24 11.88
N PRO A 298 -27.76 -8.64 12.71
CA PRO A 298 -27.80 -8.27 14.14
C PRO A 298 -27.54 -6.77 14.35
N MET A 299 -27.88 -6.25 15.56
CA MET A 299 -27.74 -4.82 15.84
C MET A 299 -26.29 -4.38 16.02
N ASP A 300 -25.95 -3.29 15.31
CA ASP A 300 -24.65 -2.63 15.28
C ASP A 300 -24.73 -1.35 16.10
N CYS A 301 -24.58 -1.48 17.44
CA CYS A 301 -24.59 -0.35 18.34
C CYS A 301 -23.16 0.15 18.63
N PHE A 302 -23.00 1.48 18.59
CA PHE A 302 -21.74 2.18 18.88
C PHE A 302 -21.80 2.79 20.26
N THR A 303 -20.72 2.63 21.05
CA THR A 303 -20.60 3.17 22.41
C THR A 303 -19.46 4.18 22.47
N MET A 304 -19.71 5.36 23.08
CA MET A 304 -18.65 6.34 23.26
C MET A 304 -17.64 5.78 24.28
N PRO A 305 -16.36 5.65 23.90
CA PRO A 305 -15.37 5.07 24.83
C PRO A 305 -15.02 5.95 26.02
N SER A 306 -14.38 5.35 27.04
CA SER A 306 -13.91 5.97 28.29
C SER A 306 -13.09 7.25 28.07
N TYR A 307 -12.13 7.24 27.11
CA TYR A 307 -11.27 8.39 26.79
C TYR A 307 -12.04 9.62 26.25
N SER A 308 -13.31 9.45 25.89
CA SER A 308 -14.13 10.56 25.41
C SER A 308 -14.84 11.27 26.57
N ARG A 309 -14.85 10.64 27.77
CA ARG A 309 -15.50 11.15 28.98
C ARG A 309 -14.44 11.39 30.08
N ARG A 310 -13.36 12.12 29.73
CA ARG A 310 -12.24 12.40 30.63
C ARG A 310 -11.76 13.85 30.65
N ILE A 311 -11.20 14.28 31.80
CA ILE A 311 -10.56 15.59 31.98
C ILE A 311 -9.08 15.37 31.57
N SER A 323 -1.97 37.01 23.76
CA SER A 323 -0.54 36.72 23.88
C SER A 323 0.04 35.96 22.65
N THR A 324 -0.74 35.82 21.56
CA THR A 324 -0.27 35.17 20.35
C THR A 324 0.01 36.21 19.23
N LYS A 325 1.13 36.05 18.51
CA LYS A 325 1.51 36.93 17.40
C LYS A 325 1.22 36.24 16.06
N SER A 326 0.76 37.00 15.06
CA SER A 326 0.52 36.46 13.73
C SER A 326 1.87 36.28 13.04
N LEU A 327 1.95 35.30 12.12
CA LEU A 327 3.15 35.00 11.33
C LEU A 327 3.55 36.21 10.47
N TRP A 328 2.53 36.94 9.96
CA TRP A 328 2.67 38.08 9.06
C TRP A 328 3.30 39.32 9.74
N VAL A 329 3.20 39.41 11.07
CA VAL A 329 3.77 40.49 11.89
C VAL A 329 5.29 40.22 12.24
N ILE A 330 5.80 39.00 11.94
CA ILE A 330 7.19 38.63 12.24
C ILE A 330 8.13 39.10 11.12
N ASN A 331 8.80 40.25 11.33
CA ASN A 331 9.70 40.85 10.35
C ASN A 331 11.16 40.37 10.53
N SER A 332 11.42 39.14 10.05
CA SER A 332 12.73 38.49 10.09
C SER A 332 12.80 37.30 9.12
N ALA A 333 14.01 36.87 8.77
CA ALA A 333 14.25 35.73 7.90
C ALA A 333 14.23 34.45 8.74
N LEU A 334 14.07 33.29 8.08
CA LEU A 334 14.03 32.01 8.76
C LEU A 334 15.43 31.51 9.05
N ARG A 335 15.65 31.10 10.30
CA ARG A 335 16.90 30.49 10.72
C ARG A 335 16.60 29.36 11.68
N ILE A 336 17.40 28.30 11.63
CA ILE A 336 17.25 27.12 12.47
C ILE A 336 18.62 26.72 12.91
N LYS A 337 18.78 26.46 14.22
CA LYS A 337 20.05 26.07 14.79
C LYS A 337 20.14 24.56 14.87
N ILE A 338 21.24 23.98 14.38
CA ILE A 338 21.52 22.55 14.47
C ILE A 338 22.52 22.46 15.64
N LEU A 339 22.15 21.79 16.72
CA LEU A 339 23.05 21.71 17.86
C LEU A 339 23.98 20.53 17.77
N CYS A 340 23.46 19.31 17.94
CA CYS A 340 24.26 18.09 17.94
C CYS A 340 23.42 16.87 17.63
N ALA A 341 24.10 15.74 17.39
CA ALA A 341 23.47 14.44 17.20
C ALA A 341 24.19 13.49 18.15
N THR A 342 23.42 12.73 18.94
CA THR A 342 23.90 11.79 19.94
C THR A 342 24.99 10.89 19.38
N TYR A 343 24.73 10.27 18.22
CA TYR A 343 25.70 9.41 17.54
C TYR A 343 25.30 9.28 16.06
N VAL A 344 26.07 8.47 15.32
CA VAL A 344 25.93 8.11 13.91
C VAL A 344 26.74 6.83 13.73
N ASN A 345 26.23 5.86 12.92
CA ASN A 345 26.97 4.61 12.72
C ASN A 345 27.77 4.66 11.44
N VAL A 346 29.02 5.08 11.59
CA VAL A 346 29.98 5.30 10.51
C VAL A 346 31.37 4.87 11.01
N ASN A 347 32.15 4.15 10.18
CA ASN A 347 33.51 3.81 10.60
C ASN A 347 34.44 4.89 10.12
N ILE A 348 35.10 5.57 11.10
CA ILE A 348 36.02 6.72 10.99
C ILE A 348 37.12 6.57 9.90
N ARG A 349 37.60 5.34 9.72
CA ARG A 349 38.58 4.96 8.70
C ARG A 349 38.08 5.28 7.27
N ASP A 350 36.81 4.98 6.96
CA ASP A 350 36.20 5.12 5.63
C ASP A 350 35.58 6.48 5.30
N ILE A 351 35.21 7.27 6.29
CA ILE A 351 34.53 8.55 6.05
C ILE A 351 35.38 9.70 6.59
N ASP A 352 35.49 10.79 5.83
CA ASP A 352 36.29 11.94 6.21
C ASP A 352 35.58 12.78 7.27
N LYS A 353 34.40 13.34 6.93
CA LYS A 353 33.62 14.19 7.82
C LYS A 353 32.08 13.98 7.67
N ILE A 354 31.29 14.51 8.63
CA ILE A 354 29.82 14.46 8.65
C ILE A 354 29.22 15.86 8.79
N TYR A 355 28.05 16.06 8.19
CA TYR A 355 27.33 17.33 8.26
C TYR A 355 25.81 17.13 8.21
N VAL A 356 25.07 18.19 8.51
CA VAL A 356 23.64 18.16 8.49
C VAL A 356 23.14 18.94 7.29
N ARG A 357 22.39 18.24 6.40
CA ARG A 357 21.76 18.81 5.22
C ARG A 357 20.34 19.13 5.59
N THR A 358 19.86 20.31 5.23
CA THR A 358 18.51 20.77 5.56
C THR A 358 17.92 21.46 4.36
N GLY A 359 16.57 21.49 4.32
CA GLY A 359 15.79 22.16 3.30
C GLY A 359 14.42 22.55 3.80
N ILE A 360 13.85 23.63 3.24
CA ILE A 360 12.50 24.13 3.59
C ILE A 360 11.67 23.77 2.38
N TYR A 361 10.72 22.81 2.54
CA TYR A 361 9.92 22.25 1.44
C TYR A 361 8.45 22.48 1.49
N HIS A 362 7.87 22.58 0.30
CA HIS A 362 6.43 22.64 0.11
C HIS A 362 6.19 21.49 -0.88
N GLY A 363 5.75 20.38 -0.32
CA GLY A 363 5.62 19.15 -1.09
C GLY A 363 7.02 18.62 -1.33
N GLY A 364 7.35 18.41 -2.60
CA GLY A 364 8.67 17.93 -2.98
C GLY A 364 9.56 19.03 -3.53
N GLU A 365 9.02 20.26 -3.57
CA GLU A 365 9.67 21.47 -4.09
C GLU A 365 10.29 22.33 -2.96
N PRO A 366 11.62 22.62 -3.01
CA PRO A 366 12.22 23.50 -1.99
C PRO A 366 11.72 24.95 -2.13
N LEU A 367 11.52 25.63 -1.01
CA LEU A 367 10.97 26.99 -0.99
C LEU A 367 12.05 28.05 -1.09
N CYS A 368 13.29 27.59 -0.96
CA CYS A 368 14.53 28.34 -0.99
C CYS A 368 15.63 27.29 -1.16
N ASP A 369 16.89 27.71 -1.32
CA ASP A 369 18.01 26.80 -1.47
C ASP A 369 18.28 26.02 -0.18
N ASN A 370 18.70 24.75 -0.33
CA ASN A 370 19.11 23.88 0.76
C ASN A 370 20.38 24.45 1.41
N VAL A 371 20.48 24.33 2.75
CA VAL A 371 21.62 24.83 3.53
C VAL A 371 22.20 23.68 4.34
N ASN A 372 23.52 23.59 4.37
CA ASN A 372 24.24 22.60 5.16
C ASN A 372 24.90 23.26 6.36
N THR A 373 25.20 22.44 7.37
CA THR A 373 26.02 22.87 8.49
C THR A 373 27.46 22.69 7.97
N GLN A 374 28.45 23.01 8.81
CA GLN A 374 29.87 22.82 8.46
C GLN A 374 30.17 21.34 8.58
N ARG A 375 31.25 20.87 7.94
CA ARG A 375 31.68 19.47 8.08
C ARG A 375 32.40 19.29 9.42
N VAL A 376 32.07 18.23 10.19
CA VAL A 376 32.65 17.95 11.50
C VAL A 376 33.16 16.51 11.53
N PRO A 377 34.04 16.09 12.47
CA PRO A 377 34.49 14.69 12.48
C PRO A 377 33.39 13.70 12.93
N CYS A 378 33.49 12.44 12.47
CA CYS A 378 32.58 11.32 12.73
C CYS A 378 32.37 11.10 14.21
N SER A 379 33.47 11.21 14.97
CA SER A 379 33.50 11.00 16.42
C SER A 379 32.86 12.13 17.19
N ASN A 380 32.84 13.36 16.61
CA ASN A 380 32.27 14.52 17.30
C ASN A 380 31.14 15.22 16.50
N PRO A 381 29.89 14.71 16.56
CA PRO A 381 28.79 15.34 15.80
C PRO A 381 28.17 16.52 16.55
N ARG A 382 28.90 17.65 16.63
CA ARG A 382 28.42 18.90 17.26
C ARG A 382 28.62 20.01 16.23
N TRP A 383 27.59 20.84 16.04
CA TRP A 383 27.64 21.91 15.07
C TRP A 383 27.38 23.27 15.69
N ASN A 384 26.46 23.37 16.69
CA ASN A 384 26.06 24.62 17.34
C ASN A 384 26.02 25.81 16.36
N GLU A 385 25.35 25.60 15.20
CA GLU A 385 25.30 26.53 14.10
C GLU A 385 23.92 26.89 13.61
N TRP A 386 23.66 28.19 13.50
CA TRP A 386 22.41 28.70 12.97
C TRP A 386 22.52 28.67 11.45
N LEU A 387 21.53 28.06 10.80
CA LEU A 387 21.41 28.02 9.34
C LEU A 387 20.42 29.08 8.92
N ASN A 388 20.84 30.00 8.04
CA ASN A 388 20.01 31.11 7.55
C ASN A 388 19.45 30.74 6.20
N TYR A 389 18.11 30.88 6.07
CA TYR A 389 17.41 30.51 4.83
C TYR A 389 16.94 31.73 4.09
N ASP A 390 16.99 31.67 2.74
CA ASP A 390 16.55 32.73 1.84
C ASP A 390 15.02 32.80 1.76
N ILE A 391 14.35 32.84 2.94
CA ILE A 391 12.90 32.94 3.04
C ILE A 391 12.52 33.84 4.24
N TYR A 392 11.61 34.79 3.99
CA TYR A 392 11.04 35.75 4.94
C TYR A 392 9.91 34.99 5.69
N ILE A 393 9.92 35.03 7.04
CA ILE A 393 8.99 34.27 7.88
C ILE A 393 7.52 34.47 7.44
N PRO A 394 6.94 35.68 7.25
CA PRO A 394 5.53 35.77 6.76
C PRO A 394 5.25 35.09 5.42
N ASP A 395 6.29 34.80 4.64
CA ASP A 395 6.17 34.17 3.33
C ASP A 395 6.13 32.63 3.39
N LEU A 396 6.16 32.06 4.61
CA LEU A 396 6.12 30.60 4.80
C LEU A 396 4.73 30.09 4.51
N PRO A 397 4.54 29.16 3.53
CA PRO A 397 3.20 28.63 3.29
C PRO A 397 2.76 27.69 4.43
N ARG A 398 1.45 27.48 4.57
CA ARG A 398 0.86 26.62 5.58
C ARG A 398 1.48 25.20 5.64
N ALA A 399 1.82 24.61 4.47
CA ALA A 399 2.40 23.27 4.39
C ALA A 399 3.95 23.22 4.41
N ALA A 400 4.60 24.31 4.84
CA ALA A 400 6.07 24.43 4.96
C ALA A 400 6.67 23.39 5.91
N ARG A 401 7.68 22.67 5.43
CA ARG A 401 8.32 21.64 6.23
C ARG A 401 9.81 21.78 6.24
N LEU A 402 10.43 21.36 7.35
CA LEU A 402 11.88 21.29 7.44
C LEU A 402 12.24 19.81 7.14
N CYS A 403 12.97 19.57 6.04
CA CYS A 403 13.45 18.25 5.64
C CYS A 403 14.94 18.21 5.90
N LEU A 404 15.38 17.31 6.77
CA LEU A 404 16.79 17.26 7.06
C LEU A 404 17.38 15.86 7.00
N SER A 405 18.73 15.79 7.08
CA SER A 405 19.51 14.56 7.13
C SER A 405 20.91 14.83 7.66
N ILE A 406 21.58 13.77 8.14
CA ILE A 406 22.99 13.76 8.52
C ILE A 406 23.64 13.01 7.37
N CYS A 407 24.60 13.65 6.68
CA CYS A 407 25.30 13.03 5.56
C CYS A 407 26.79 12.80 5.86
N SER A 408 27.38 11.79 5.23
CA SER A 408 28.79 11.49 5.32
C SER A 408 29.44 12.02 4.06
N VAL A 409 30.71 12.41 4.17
CA VAL A 409 31.46 12.89 3.01
C VAL A 409 32.84 12.20 3.01
N LYS A 410 33.18 11.62 1.86
CA LYS A 410 34.40 10.88 1.58
C LYS A 410 34.96 11.36 0.24
N GLY A 411 36.13 12.00 0.27
CA GLY A 411 36.81 12.49 -0.93
C GLY A 411 37.61 11.36 -1.52
N ARG A 412 38.95 11.44 -1.35
CA ARG A 412 39.96 10.42 -1.66
C ARG A 412 40.14 10.00 -3.12
N LYS A 413 39.16 10.27 -4.01
CA LYS A 413 39.24 9.88 -5.42
C LYS A 413 39.38 11.13 -6.29
N GLY A 414 40.57 11.74 -6.24
CA GLY A 414 40.87 12.99 -6.93
C GLY A 414 40.15 14.11 -6.22
N ALA A 415 39.54 15.04 -6.99
CA ALA A 415 38.74 16.14 -6.41
C ALA A 415 37.28 15.68 -6.32
N LYS A 416 37.03 14.39 -6.62
CA LYS A 416 35.72 13.78 -6.61
C LYS A 416 35.33 13.30 -5.20
N GLU A 417 34.26 13.88 -4.65
CA GLU A 417 33.78 13.46 -3.33
C GLU A 417 32.40 12.83 -3.39
N GLU A 418 32.24 11.75 -2.59
CA GLU A 418 31.01 10.96 -2.47
CA GLU A 418 31.02 10.94 -2.46
C GLU A 418 30.22 11.34 -1.21
N HIS A 419 28.98 11.84 -1.40
CA HIS A 419 28.07 12.25 -0.33
C HIS A 419 26.97 11.21 -0.14
N CYS A 420 26.80 10.69 1.08
CA CYS A 420 25.74 9.73 1.38
C CYS A 420 24.90 10.10 2.61
N PRO A 421 23.55 10.00 2.55
CA PRO A 421 22.74 10.25 3.77
C PRO A 421 22.89 9.07 4.76
N LEU A 422 22.88 9.36 6.05
CA LEU A 422 23.03 8.34 7.08
C LEU A 422 21.70 8.02 7.76
N ALA A 423 20.88 9.06 7.96
CA ALA A 423 19.57 9.06 8.57
C ALA A 423 18.92 10.39 8.22
N TRP A 424 17.59 10.36 8.05
CA TRP A 424 16.77 11.48 7.64
C TRP A 424 15.68 11.74 8.67
N GLY A 425 15.03 12.89 8.53
CA GLY A 425 13.96 13.33 9.39
C GLY A 425 13.28 14.57 8.87
N ASN A 426 11.95 14.63 8.98
CA ASN A 426 11.16 15.75 8.51
C ASN A 426 10.26 16.24 9.62
N ILE A 427 9.98 17.54 9.63
CA ILE A 427 9.13 18.20 10.63
C ILE A 427 8.25 19.25 9.95
N ASN A 428 6.98 19.33 10.38
CA ASN A 428 6.03 20.36 9.92
C ASN A 428 6.46 21.67 10.63
N LEU A 429 6.54 22.81 9.91
CA LEU A 429 6.97 24.07 10.55
C LEU A 429 5.87 24.66 11.44
N PHE A 430 4.62 24.22 11.23
CA PHE A 430 3.42 24.54 11.98
C PHE A 430 2.80 23.23 12.47
N ASP A 431 2.31 23.21 13.72
CA ASP A 431 1.69 22.01 14.26
C ASP A 431 0.20 21.98 13.87
N TYR A 432 -0.55 20.97 14.33
CA TYR A 432 -1.98 20.82 14.03
C TYR A 432 -2.85 22.01 14.53
N THR A 433 -2.40 22.76 15.54
CA THR A 433 -3.13 23.93 16.07
C THR A 433 -2.74 25.27 15.39
N ASP A 434 -2.00 25.20 14.23
CA ASP A 434 -1.47 26.32 13.42
C ASP A 434 -0.31 27.08 14.06
N THR A 435 0.27 26.53 15.13
CA THR A 435 1.41 27.15 15.82
C THR A 435 2.73 26.89 15.09
N LEU A 436 3.52 27.96 14.87
CA LEU A 436 4.85 27.89 14.28
C LEU A 436 5.77 27.26 15.32
N VAL A 437 6.69 26.41 14.90
CA VAL A 437 7.61 25.76 15.84
C VAL A 437 8.49 26.78 16.53
N SER A 438 8.83 26.53 17.80
CA SER A 438 9.71 27.40 18.59
C SER A 438 10.46 26.60 19.64
N GLY A 439 11.60 27.13 20.05
CA GLY A 439 12.40 26.55 21.10
C GLY A 439 13.15 25.33 20.68
N LYS A 440 13.62 24.58 21.66
CA LYS A 440 14.40 23.37 21.45
C LYS A 440 13.53 22.19 21.03
N MET A 441 14.13 21.31 20.22
CA MET A 441 13.52 20.11 19.71
C MET A 441 14.55 19.01 19.52
N ALA A 442 14.18 17.79 19.95
CA ALA A 442 14.95 16.55 19.80
C ALA A 442 14.24 15.72 18.74
N LEU A 443 14.96 15.28 17.72
CA LEU A 443 14.36 14.50 16.65
C LEU A 443 15.12 13.21 16.42
N ASN A 444 14.43 12.07 16.61
CA ASN A 444 15.03 10.79 16.34
C ASN A 444 14.86 10.53 14.86
N LEU A 445 15.98 10.20 14.24
CA LEU A 445 16.08 10.05 12.80
C LEU A 445 15.83 8.62 12.32
N TRP A 446 15.34 8.50 11.08
CA TRP A 446 14.94 7.25 10.45
C TRP A 446 16.00 6.67 9.52
N PRO A 447 16.02 5.32 9.33
CA PRO A 447 16.95 4.72 8.35
C PRO A 447 16.64 5.19 6.94
N VAL A 448 17.67 5.34 6.10
CA VAL A 448 17.48 5.78 4.71
C VAL A 448 16.84 4.61 3.93
N PRO A 449 15.70 4.85 3.21
CA PRO A 449 15.07 3.76 2.45
C PRO A 449 16.02 3.08 1.48
N HIS A 450 15.94 1.74 1.36
CA HIS A 450 16.79 0.97 0.46
C HIS A 450 16.53 1.43 -0.99
N GLY A 451 17.61 1.82 -1.66
CA GLY A 451 17.56 2.35 -3.02
C GLY A 451 17.69 3.85 -3.10
N LEU A 452 17.34 4.59 -2.01
CA LEU A 452 17.40 6.04 -1.98
C LEU A 452 18.82 6.58 -1.84
N GLU A 453 19.25 7.36 -2.84
CA GLU A 453 20.59 7.94 -2.93
C GLU A 453 20.59 9.44 -2.64
N ASP A 454 19.43 10.10 -2.81
CA ASP A 454 19.24 11.53 -2.57
C ASP A 454 19.59 11.84 -1.12
N LEU A 455 20.18 13.01 -0.89
CA LEU A 455 20.65 13.32 0.46
C LEU A 455 19.52 13.62 1.43
N LEU A 456 18.39 14.17 0.92
CA LEU A 456 17.20 14.44 1.73
C LEU A 456 16.04 13.54 1.25
N ASN A 457 15.03 13.33 2.13
CA ASN A 457 13.87 12.52 1.81
C ASN A 457 12.55 13.31 2.04
N PRO A 458 12.28 14.38 1.21
CA PRO A 458 11.05 15.17 1.40
C PRO A 458 9.73 14.40 1.30
N ILE A 459 9.70 13.27 0.59
CA ILE A 459 8.47 12.46 0.46
C ILE A 459 8.20 11.68 1.77
N GLY A 460 9.26 11.41 2.55
CA GLY A 460 9.20 10.70 3.82
C GLY A 460 8.28 11.33 4.84
N VAL A 461 7.78 10.53 5.80
CA VAL A 461 6.82 10.99 6.82
C VAL A 461 7.39 12.06 7.74
N THR A 462 6.53 12.77 8.49
CA THR A 462 7.05 13.73 9.46
C THR A 462 7.04 13.12 10.86
N GLY A 463 7.72 13.76 11.79
CA GLY A 463 7.78 13.30 13.16
C GLY A 463 9.02 12.48 13.50
N SER A 464 9.26 12.37 14.79
CA SER A 464 10.38 11.64 15.33
C SER A 464 10.17 10.13 15.31
N ASN A 465 11.26 9.38 15.08
CA ASN A 465 11.30 7.92 15.07
C ASN A 465 10.91 7.45 16.49
N PRO A 466 9.86 6.58 16.62
CA PRO A 466 9.42 6.13 17.97
C PRO A 466 10.49 5.32 18.68
N ASN A 467 11.35 4.65 17.91
CA ASN A 467 12.48 3.90 18.45
C ASN A 467 13.53 4.94 18.87
N LYS A 468 13.81 5.02 20.18
CA LYS A 468 14.70 6.04 20.72
C LYS A 468 16.16 5.61 20.80
N GLU A 469 16.45 4.35 20.45
CA GLU A 469 17.83 3.87 20.42
C GLU A 469 18.37 4.15 19.00
N THR A 470 18.12 5.35 18.48
CA THR A 470 18.48 5.76 17.13
C THR A 470 19.20 7.13 17.17
N PRO A 471 19.89 7.59 16.08
CA PRO A 471 20.51 8.91 16.14
C PRO A 471 19.46 9.98 16.45
N CYS A 472 19.78 10.84 17.44
CA CYS A 472 18.92 11.92 17.88
C CYS A 472 19.54 13.32 17.65
N LEU A 473 18.96 14.04 16.69
CA LEU A 473 19.37 15.38 16.35
C LEU A 473 18.70 16.43 17.24
N GLU A 474 19.50 17.35 17.73
CA GLU A 474 19.12 18.46 18.56
C GLU A 474 19.03 19.71 17.71
N LEU A 475 17.88 20.37 17.76
CA LEU A 475 17.60 21.58 17.02
C LEU A 475 17.08 22.65 17.96
N GLU A 476 17.05 23.90 17.46
CA GLU A 476 16.53 25.06 18.15
C GLU A 476 15.88 26.03 17.13
N PHE A 477 14.61 26.36 17.35
CA PHE A 477 13.86 27.31 16.53
C PHE A 477 13.77 28.62 17.29
N ASP A 478 13.61 29.73 16.56
CA ASP A 478 13.52 31.06 17.12
C ASP A 478 12.34 31.30 18.04
N TRP A 479 12.50 32.23 18.99
CA TRP A 479 11.44 32.69 19.87
C TRP A 479 11.17 34.16 19.54
N PHE A 480 9.90 34.52 19.40
CA PHE A 480 9.50 35.87 19.03
C PHE A 480 8.68 36.56 20.11
N SER A 481 9.09 36.36 21.38
CA SER A 481 8.48 36.90 22.59
C SER A 481 7.06 36.34 22.85
N SER A 482 6.49 35.61 21.86
CA SER A 482 5.18 34.96 21.98
C SER A 482 5.03 33.73 21.06
N VAL A 483 3.81 33.14 21.08
CA VAL A 483 3.37 31.98 20.32
C VAL A 483 2.92 32.50 18.96
N VAL A 484 3.67 32.16 17.91
CA VAL A 484 3.35 32.61 16.56
C VAL A 484 2.33 31.66 15.96
N LYS A 485 1.18 32.19 15.49
CA LYS A 485 0.11 31.41 14.87
C LYS A 485 -0.07 31.83 13.44
N PHE A 486 -0.30 30.84 12.56
CA PHE A 486 -0.51 31.09 11.14
C PHE A 486 -1.79 31.94 11.00
N PRO A 487 -1.76 32.99 10.14
CA PRO A 487 -2.94 33.87 10.00
C PRO A 487 -4.24 33.15 9.58
N ASP A 488 -5.39 33.65 10.06
CA ASP A 488 -6.71 33.12 9.76
C ASP A 488 -7.08 33.28 8.27
N MET A 489 -7.96 32.40 7.77
CA MET A 489 -8.41 32.38 6.38
C MET A 489 -9.18 33.65 5.98
N SER A 490 -9.85 34.30 6.94
CA SER A 490 -10.54 35.57 6.71
C SER A 490 -9.48 36.69 6.51
N VAL A 491 -8.40 36.62 7.30
CA VAL A 491 -7.25 37.54 7.25
C VAL A 491 -6.53 37.34 5.90
N ILE A 492 -6.41 36.07 5.41
CA ILE A 492 -5.77 35.74 4.13
C ILE A 492 -6.52 36.42 2.97
N GLU A 493 -7.87 36.34 2.96
CA GLU A 493 -8.72 36.98 1.95
C GLU A 493 -8.77 38.51 2.17
N GLU A 494 -7.68 39.21 1.79
CA GLU A 494 -7.49 40.65 1.96
C GLU A 494 -6.62 41.21 0.84
N ARG A 524 -6.17 36.76 -27.58
CA ARG A 524 -7.09 35.93 -26.78
C ARG A 524 -7.22 34.50 -27.26
N GLU A 525 -7.95 34.20 -28.38
CA GLU A 525 -8.12 32.83 -28.92
C GLU A 525 -6.76 32.07 -29.07
N ASN A 526 -5.65 32.83 -29.20
CA ASN A 526 -4.26 32.34 -29.26
C ASN A 526 -3.85 31.78 -27.89
N ASP A 527 -4.31 32.50 -26.85
CA ASP A 527 -4.16 32.23 -25.42
C ASP A 527 -5.16 31.16 -24.93
N LYS A 528 -6.42 31.16 -25.43
CA LYS A 528 -7.44 30.14 -25.11
C LYS A 528 -7.00 28.76 -25.63
N GLU A 529 -6.41 28.73 -26.84
CA GLU A 529 -5.90 27.50 -27.46
C GLU A 529 -4.70 26.93 -26.73
N GLN A 530 -3.78 27.82 -26.27
CA GLN A 530 -2.57 27.44 -25.52
C GLN A 530 -2.91 26.83 -24.17
N LEU A 531 -3.91 27.41 -23.49
CA LEU A 531 -4.40 26.94 -22.21
C LEU A 531 -4.98 25.52 -22.32
N LYS A 532 -5.91 25.29 -23.28
CA LYS A 532 -6.51 23.97 -23.53
C LYS A 532 -5.45 22.87 -23.79
N ALA A 533 -4.35 23.23 -24.50
CA ALA A 533 -3.22 22.36 -24.85
C ALA A 533 -2.40 21.99 -23.62
N ILE A 534 -2.21 22.96 -22.69
CA ILE A 534 -1.51 22.75 -21.42
C ILE A 534 -2.33 21.80 -20.52
N SER A 535 -3.67 22.00 -20.43
CA SER A 535 -4.61 21.20 -19.62
C SER A 535 -4.77 19.73 -20.04
N THR A 536 -4.56 19.39 -21.35
CA THR A 536 -4.65 18.00 -21.88
C THR A 536 -3.36 17.21 -21.66
N ARG A 537 -2.26 17.92 -21.36
CA ARG A 537 -0.95 17.35 -21.08
C ARG A 537 -0.99 16.55 -19.77
N ASP A 538 -0.18 15.49 -19.68
CA ASP A 538 -0.14 14.60 -18.54
C ASP A 538 0.35 15.28 -17.22
N PRO A 539 0.05 14.66 -16.03
CA PRO A 539 0.48 15.26 -14.74
C PRO A 539 1.96 15.54 -14.57
N LEU A 540 2.81 14.82 -15.31
CA LEU A 540 4.24 14.94 -15.17
C LEU A 540 4.92 15.60 -16.36
N SER A 541 4.13 16.18 -17.29
CA SER A 541 4.72 16.85 -18.45
C SER A 541 5.48 18.10 -17.99
N GLU A 542 6.53 18.50 -18.73
CA GLU A 542 7.30 19.70 -18.46
C GLU A 542 6.43 20.98 -18.56
N ILE A 543 6.60 21.88 -17.60
CA ILE A 543 5.95 23.20 -17.62
C ILE A 543 7.10 24.17 -17.64
N THR A 544 7.21 24.94 -18.73
CA THR A 544 8.28 25.91 -18.83
C THR A 544 7.95 27.12 -17.97
N GLU A 545 8.99 27.88 -17.60
CA GLU A 545 8.87 29.14 -16.88
C GLU A 545 7.93 30.11 -17.59
N GLN A 546 7.97 30.13 -18.95
CA GLN A 546 7.08 30.93 -19.81
C GLN A 546 5.63 30.48 -19.63
N GLU A 547 5.40 29.16 -19.62
CA GLU A 547 4.07 28.57 -19.42
C GLU A 547 3.56 28.83 -18.00
N LYS A 548 4.43 28.79 -16.97
CA LYS A 548 4.06 29.10 -15.58
C LYS A 548 3.53 30.54 -15.50
N ASP A 549 4.34 31.51 -15.98
CA ASP A 549 4.05 32.95 -16.09
C ASP A 549 2.77 33.20 -16.86
N PHE A 550 2.57 32.49 -17.97
CA PHE A 550 1.36 32.56 -18.81
C PHE A 550 0.13 32.10 -18.01
N LEU A 551 0.25 30.98 -17.27
CA LEU A 551 -0.80 30.41 -16.42
C LEU A 551 -1.14 31.31 -15.26
N TRP A 552 -0.11 31.91 -14.62
CA TRP A 552 -0.33 32.83 -13.51
C TRP A 552 -1.02 34.10 -14.00
N SER A 553 -0.57 34.65 -15.14
CA SER A 553 -1.15 35.85 -15.78
C SER A 553 -2.61 35.66 -16.20
N HIS A 554 -2.97 34.43 -16.61
CA HIS A 554 -4.32 34.09 -17.05
C HIS A 554 -5.12 33.29 -16.01
N ARG A 555 -4.70 33.38 -14.70
CA ARG A 555 -5.27 32.66 -13.56
C ARG A 555 -6.79 32.81 -13.39
N HIS A 556 -7.32 34.02 -13.61
CA HIS A 556 -8.77 34.26 -13.51
C HIS A 556 -9.51 33.61 -14.67
N TYR A 557 -8.91 33.62 -15.89
CA TYR A 557 -9.50 32.95 -17.05
C TYR A 557 -9.42 31.41 -16.92
N CYS A 558 -8.48 30.89 -16.09
CA CYS A 558 -8.32 29.43 -15.89
C CYS A 558 -9.58 28.75 -15.36
N VAL A 559 -10.38 29.47 -14.54
CA VAL A 559 -11.67 29.06 -13.98
C VAL A 559 -12.62 28.53 -15.10
N THR A 560 -12.47 29.05 -16.36
CA THR A 560 -13.27 28.63 -17.54
C THR A 560 -12.94 27.20 -18.00
N ILE A 561 -11.75 26.71 -17.62
CA ILE A 561 -11.26 25.36 -17.88
C ILE A 561 -10.82 24.79 -16.52
N PRO A 562 -11.75 24.30 -15.68
CA PRO A 562 -11.37 23.87 -14.32
C PRO A 562 -10.27 22.80 -14.23
N GLU A 563 -10.19 21.85 -15.23
CA GLU A 563 -9.23 20.75 -15.26
C GLU A 563 -7.73 21.17 -15.31
N ILE A 564 -7.43 22.45 -15.61
CA ILE A 564 -6.07 22.98 -15.64
C ILE A 564 -5.56 23.31 -14.22
N LEU A 565 -6.44 23.22 -13.20
CA LEU A 565 -6.07 23.55 -11.81
C LEU A 565 -4.72 22.94 -11.33
N PRO A 566 -4.39 21.64 -11.53
CA PRO A 566 -3.08 21.15 -11.03
C PRO A 566 -1.90 21.89 -11.68
N LYS A 567 -2.00 22.17 -13.00
CA LYS A 567 -1.00 22.90 -13.81
C LYS A 567 -0.86 24.35 -13.30
N LEU A 568 -2.00 25.00 -12.93
CA LEU A 568 -2.01 26.34 -12.39
C LEU A 568 -1.40 26.38 -10.99
N LEU A 569 -1.72 25.37 -10.12
CA LEU A 569 -1.19 25.28 -8.75
C LEU A 569 0.36 25.11 -8.67
N LEU A 570 0.97 24.49 -9.69
CA LEU A 570 2.43 24.30 -9.73
C LEU A 570 3.12 25.56 -10.28
N SER A 571 2.34 26.47 -10.90
CA SER A 571 2.76 27.73 -11.49
C SER A 571 2.90 28.84 -10.44
N VAL A 572 2.25 28.65 -9.29
CA VAL A 572 2.24 29.53 -8.11
C VAL A 572 3.62 29.51 -7.44
N LYS A 573 4.07 30.69 -6.95
CA LYS A 573 5.27 30.83 -6.13
C LYS A 573 4.76 30.66 -4.71
N TRP A 574 4.97 29.47 -4.13
CA TRP A 574 4.47 29.12 -2.79
C TRP A 574 5.24 29.80 -1.70
N ASN A 575 6.41 30.39 -2.04
CA ASN A 575 7.25 31.18 -1.15
C ASN A 575 6.84 32.69 -1.10
N SER A 576 5.66 33.01 -1.66
CA SER A 576 5.06 34.35 -1.68
C SER A 576 3.66 34.30 -1.06
N ARG A 577 3.47 34.94 0.11
CA ARG A 577 2.16 35.00 0.80
C ARG A 577 1.08 35.66 -0.05
N ASP A 578 1.47 36.64 -0.87
CA ASP A 578 0.60 37.40 -1.76
C ASP A 578 0.12 36.56 -2.95
N GLU A 579 1.02 35.75 -3.55
CA GLU A 579 0.66 34.82 -4.63
C GLU A 579 -0.30 33.72 -4.07
N VAL A 580 0.06 33.11 -2.90
CA VAL A 580 -0.75 32.07 -2.23
C VAL A 580 -2.14 32.58 -1.86
N ALA A 581 -2.23 33.77 -1.22
CA ALA A 581 -3.49 34.44 -0.85
C ALA A 581 -4.43 34.56 -2.03
N GLN A 582 -3.87 34.94 -3.20
CA GLN A 582 -4.62 35.04 -4.45
C GLN A 582 -5.06 33.66 -4.95
N MET A 583 -4.21 32.64 -4.74
CA MET A 583 -4.53 31.27 -5.16
C MET A 583 -5.65 30.69 -4.28
N TYR A 584 -5.68 31.08 -2.98
CA TYR A 584 -6.67 30.66 -2.01
C TYR A 584 -8.08 31.13 -2.37
N CYS A 585 -8.23 32.40 -2.82
CA CYS A 585 -9.49 33.02 -3.23
C CYS A 585 -9.98 32.38 -4.50
N LEU A 586 -9.05 32.01 -5.40
CA LEU A 586 -9.41 31.28 -6.62
C LEU A 586 -9.85 29.84 -6.31
N VAL A 587 -9.17 29.12 -5.36
CA VAL A 587 -9.55 27.71 -5.11
C VAL A 587 -10.91 27.61 -4.41
N LYS A 588 -11.23 28.56 -3.51
CA LYS A 588 -12.50 28.67 -2.76
C LYS A 588 -13.72 28.65 -3.70
N ASP A 589 -13.63 29.36 -4.83
CA ASP A 589 -14.73 29.45 -5.77
C ASP A 589 -14.48 28.64 -7.06
N TRP A 590 -13.44 27.78 -7.07
CA TRP A 590 -13.08 26.95 -8.22
C TRP A 590 -14.20 25.98 -8.58
N PRO A 591 -14.56 25.85 -9.88
CA PRO A 591 -15.62 24.90 -10.26
C PRO A 591 -15.19 23.43 -10.05
N PRO A 592 -16.15 22.52 -9.78
CA PRO A 592 -15.77 21.12 -9.52
C PRO A 592 -15.01 20.42 -10.64
N ILE A 593 -14.08 19.54 -10.27
CA ILE A 593 -13.33 18.75 -11.25
C ILE A 593 -13.74 17.28 -11.12
N LYS A 594 -13.38 16.45 -12.15
CA LYS A 594 -13.68 15.01 -12.14
C LYS A 594 -12.91 14.34 -10.99
N PRO A 595 -13.49 13.34 -10.26
CA PRO A 595 -12.77 12.71 -9.14
C PRO A 595 -11.40 12.12 -9.49
N GLU A 596 -11.18 11.73 -10.76
CA GLU A 596 -9.90 11.18 -11.22
C GLU A 596 -8.82 12.25 -11.33
N GLN A 597 -9.25 13.52 -11.43
CA GLN A 597 -8.36 14.68 -11.51
CA GLN A 597 -8.35 14.68 -11.50
C GLN A 597 -8.12 15.23 -10.08
N ALA A 598 -9.14 15.09 -9.20
CA ALA A 598 -9.09 15.52 -7.79
C ALA A 598 -8.04 14.69 -7.02
N MET A 599 -7.94 13.37 -7.33
CA MET A 599 -6.95 12.43 -6.76
C MET A 599 -5.50 12.91 -6.96
N GLU A 600 -5.22 13.63 -8.04
CA GLU A 600 -3.90 14.18 -8.30
C GLU A 600 -3.53 15.21 -7.21
N LEU A 601 -4.49 16.02 -6.76
CA LEU A 601 -4.27 17.04 -5.74
C LEU A 601 -4.11 16.45 -4.34
N LEU A 602 -4.12 15.11 -4.23
CA LEU A 602 -3.95 14.38 -2.96
C LEU A 602 -2.56 13.73 -2.87
N ASP A 603 -1.80 13.68 -3.97
CA ASP A 603 -0.44 13.13 -3.94
C ASP A 603 0.55 14.10 -3.27
N CYS A 604 1.84 13.70 -3.20
CA CYS A 604 2.93 14.43 -2.54
C CYS A 604 3.23 15.80 -3.19
N ASN A 605 2.72 16.07 -4.42
CA ASN A 605 2.93 17.35 -5.10
C ASN A 605 1.98 18.48 -4.66
N TYR A 606 0.91 18.17 -3.91
CA TYR A 606 -0.05 19.19 -3.50
C TYR A 606 -0.29 19.14 -2.02
N PRO A 607 0.64 19.66 -1.17
CA PRO A 607 0.47 19.56 0.28
C PRO A 607 -0.42 20.60 0.96
N ASP A 608 -0.87 21.62 0.20
CA ASP A 608 -1.67 22.72 0.76
C ASP A 608 -3.06 22.27 1.25
N PRO A 609 -3.45 22.62 2.49
CA PRO A 609 -4.75 22.14 3.01
C PRO A 609 -6.01 22.65 2.28
N MET A 610 -5.95 23.81 1.59
CA MET A 610 -7.09 24.35 0.86
C MET A 610 -7.27 23.58 -0.43
N VAL A 611 -6.12 23.29 -1.07
CA VAL A 611 -6.02 22.51 -2.31
C VAL A 611 -6.52 21.08 -2.02
N ARG A 612 -6.05 20.51 -0.90
CA ARG A 612 -6.42 19.17 -0.47
C ARG A 612 -7.88 19.12 -0.02
N GLY A 613 -8.37 20.18 0.65
CA GLY A 613 -9.76 20.29 1.07
C GLY A 613 -10.69 20.34 -0.13
N PHE A 614 -10.29 21.13 -1.16
CA PHE A 614 -11.02 21.20 -2.42
C PHE A 614 -11.08 19.79 -3.01
N ALA A 615 -9.92 19.09 -3.11
CA ALA A 615 -9.86 17.74 -3.66
C ALA A 615 -10.84 16.76 -2.97
N VAL A 616 -10.86 16.75 -1.62
CA VAL A 616 -11.72 15.86 -0.84
C VAL A 616 -13.21 16.13 -1.13
N ARG A 617 -13.58 17.40 -1.39
CA ARG A 617 -14.97 17.78 -1.68
C ARG A 617 -15.42 17.30 -3.07
N CYS A 618 -14.50 17.30 -4.07
CA CYS A 618 -14.80 16.74 -5.39
C CYS A 618 -15.08 15.26 -5.23
N LEU A 619 -14.39 14.59 -4.29
CA LEU A 619 -14.57 13.17 -4.02
C LEU A 619 -15.89 12.97 -3.28
N GLU A 620 -16.18 13.82 -2.27
CA GLU A 620 -17.42 13.74 -1.50
C GLU A 620 -18.69 13.79 -2.37
N LYS A 621 -18.73 14.63 -3.42
CA LYS A 621 -19.94 14.78 -4.25
C LYS A 621 -19.97 13.99 -5.54
N TYR A 622 -18.80 13.70 -6.14
CA TYR A 622 -18.72 13.04 -7.43
C TYR A 622 -18.10 11.64 -7.47
N LEU A 623 -17.45 11.18 -6.38
CA LEU A 623 -16.82 9.84 -6.44
C LEU A 623 -17.80 8.73 -6.11
N THR A 624 -18.08 7.84 -7.11
CA THR A 624 -18.97 6.69 -6.91
C THR A 624 -18.32 5.72 -5.93
N ASP A 625 -19.13 4.97 -5.15
CA ASP A 625 -18.60 3.99 -4.21
C ASP A 625 -17.77 2.94 -4.98
N ASP A 626 -18.17 2.69 -6.25
CA ASP A 626 -17.52 1.83 -7.20
C ASP A 626 -16.06 2.29 -7.44
N LYS A 627 -15.84 3.59 -7.70
CA LYS A 627 -14.51 4.10 -7.97
C LYS A 627 -13.67 4.25 -6.72
N LEU A 628 -14.31 4.51 -5.58
CA LEU A 628 -13.66 4.62 -4.27
C LEU A 628 -13.06 3.23 -3.93
N SER A 629 -13.82 2.15 -4.18
CA SER A 629 -13.38 0.77 -4.01
C SER A 629 -12.23 0.46 -4.99
N GLN A 630 -12.34 0.98 -6.23
CA GLN A 630 -11.37 0.81 -7.29
C GLN A 630 -10.04 1.48 -6.94
N TYR A 631 -10.07 2.68 -6.32
CA TYR A 631 -8.87 3.49 -6.03
C TYR A 631 -8.43 3.49 -4.57
N LEU A 632 -9.10 2.69 -3.71
CA LEU A 632 -8.84 2.58 -2.26
C LEU A 632 -7.37 2.36 -1.91
N ILE A 633 -6.68 1.46 -2.63
CA ILE A 633 -5.25 1.24 -2.44
C ILE A 633 -4.54 2.62 -2.39
N GLN A 634 -4.68 3.45 -3.45
CA GLN A 634 -4.08 4.79 -3.56
C GLN A 634 -4.59 5.78 -2.51
N LEU A 635 -5.91 5.81 -2.25
CA LEU A 635 -6.54 6.70 -1.28
C LEU A 635 -6.06 6.49 0.15
N VAL A 636 -5.74 5.23 0.50
CA VAL A 636 -5.19 4.85 1.80
C VAL A 636 -3.75 5.34 1.86
N GLN A 637 -2.98 5.14 0.76
CA GLN A 637 -1.59 5.54 0.65
C GLN A 637 -1.36 7.00 0.84
N VAL A 638 -2.23 7.86 0.25
CA VAL A 638 -2.07 9.32 0.33
C VAL A 638 -2.31 9.88 1.75
N LEU A 639 -2.82 9.04 2.70
CA LEU A 639 -2.97 9.42 4.11
C LEU A 639 -1.57 9.61 4.73
N LYS A 640 -0.53 8.96 4.17
CA LYS A 640 0.86 9.09 4.63
C LYS A 640 1.40 10.49 4.30
N TYR A 641 0.87 11.13 3.23
CA TYR A 641 1.29 12.46 2.79
C TYR A 641 0.70 13.55 3.67
N GLU A 642 -0.46 13.30 4.31
CA GLU A 642 -1.11 14.29 5.21
C GLU A 642 -0.17 14.76 6.32
N GLN A 643 -0.12 16.10 6.56
CA GLN A 643 0.72 16.71 7.62
C GLN A 643 0.29 16.29 9.01
N TYR A 644 -1.04 16.15 9.19
CA TYR A 644 -1.71 15.89 10.48
C TYR A 644 -2.59 14.67 10.49
N LEU A 645 -2.84 14.16 11.70
CA LEU A 645 -3.67 13.00 12.01
C LEU A 645 -5.09 13.29 11.61
N ASP A 646 -5.62 14.45 12.06
CA ASP A 646 -6.98 14.87 11.75
C ASP A 646 -7.01 15.73 10.51
N ASN A 647 -7.70 15.28 9.47
CA ASN A 647 -7.83 15.93 8.16
C ASN A 647 -9.13 15.47 7.45
N LEU A 648 -9.49 16.21 6.39
CA LEU A 648 -10.72 15.97 5.64
C LEU A 648 -10.73 14.63 4.95
N LEU A 649 -9.56 14.20 4.41
CA LEU A 649 -9.41 12.93 3.73
C LEU A 649 -9.69 11.75 4.69
N VAL A 650 -9.00 11.72 5.86
CA VAL A 650 -9.17 10.64 6.85
C VAL A 650 -10.63 10.55 7.30
N ARG A 651 -11.30 11.72 7.49
CA ARG A 651 -12.71 11.84 7.88
C ARG A 651 -13.64 11.33 6.76
N PHE A 652 -13.31 11.64 5.48
CA PHE A 652 -14.06 11.17 4.32
C PHE A 652 -13.95 9.64 4.18
N LEU A 653 -12.71 9.10 4.18
CA LEU A 653 -12.48 7.66 4.03
C LEU A 653 -13.10 6.83 5.14
N LEU A 654 -12.98 7.31 6.40
CA LEU A 654 -13.53 6.64 7.55
C LEU A 654 -15.06 6.63 7.55
N LYS A 655 -15.71 7.75 7.19
CA LYS A 655 -17.19 7.80 7.10
C LYS A 655 -17.70 6.81 6.03
N LYS A 656 -16.96 6.72 4.92
CA LYS A 656 -17.28 5.79 3.84
C LYS A 656 -17.07 4.33 4.26
N ALA A 657 -15.96 4.05 4.97
CA ALA A 657 -15.68 2.70 5.49
C ALA A 657 -16.78 2.30 6.48
N LEU A 658 -17.32 3.27 7.24
CA LEU A 658 -18.35 3.02 8.26
C LEU A 658 -19.80 3.10 7.73
N THR A 659 -19.99 3.37 6.42
CA THR A 659 -21.32 3.41 5.79
C THR A 659 -21.44 2.41 4.62
N ASN A 660 -20.33 1.75 4.29
CA ASN A 660 -20.30 0.74 3.25
C ASN A 660 -19.32 -0.34 3.72
N GLN A 661 -19.83 -1.54 3.97
CA GLN A 661 -19.03 -2.66 4.50
C GLN A 661 -18.04 -3.25 3.49
N ARG A 662 -18.27 -3.10 2.17
CA ARG A 662 -17.31 -3.56 1.13
C ARG A 662 -16.03 -2.67 1.17
N ILE A 663 -16.21 -1.34 1.42
CA ILE A 663 -15.13 -0.37 1.53
C ILE A 663 -14.43 -0.57 2.88
N GLY A 664 -15.21 -0.79 3.94
CA GLY A 664 -14.71 -1.02 5.29
C GLY A 664 -13.79 -2.23 5.37
N HIS A 665 -14.19 -3.34 4.71
CA HIS A 665 -13.40 -4.56 4.59
C HIS A 665 -11.99 -4.28 4.04
N PHE A 666 -11.88 -3.71 2.81
CA PHE A 666 -10.58 -3.39 2.17
C PHE A 666 -9.84 -2.21 2.84
N PHE A 667 -10.58 -1.24 3.37
CA PHE A 667 -10.00 -0.14 4.15
C PHE A 667 -9.27 -0.74 5.37
N PHE A 668 -9.91 -1.69 6.10
CA PHE A 668 -9.31 -2.37 7.27
C PHE A 668 -8.06 -3.13 6.85
N TRP A 669 -8.15 -3.98 5.79
CA TRP A 669 -7.02 -4.81 5.38
C TRP A 669 -5.85 -4.00 4.83
N HIS A 670 -6.09 -2.90 4.08
CA HIS A 670 -4.97 -2.08 3.59
C HIS A 670 -4.22 -1.39 4.73
N LEU A 671 -4.94 -0.94 5.77
CA LEU A 671 -4.31 -0.33 6.94
C LEU A 671 -3.58 -1.37 7.81
N LYS A 672 -4.21 -2.54 8.05
CA LYS A 672 -3.69 -3.65 8.87
C LYS A 672 -2.41 -4.23 8.27
N SER A 673 -2.38 -4.49 6.97
CA SER A 673 -1.20 -5.02 6.28
C SER A 673 0.09 -4.16 6.49
N GLU A 674 -0.10 -2.88 6.80
CA GLU A 674 0.99 -1.93 7.00
C GLU A 674 1.30 -1.61 8.47
N MET A 675 0.66 -2.31 9.42
CA MET A 675 0.85 -2.11 10.86
C MET A 675 2.26 -2.45 11.43
N HIS A 676 3.12 -3.07 10.61
N HIS A 676 3.15 -3.06 10.64
CA HIS A 676 4.51 -3.41 10.94
CA HIS A 676 4.52 -3.32 11.12
C HIS A 676 5.40 -2.21 10.65
C HIS A 676 5.47 -2.25 10.58
N ASN A 677 4.97 -1.38 9.69
CA ASN A 677 5.70 -0.22 9.17
C ASN A 677 5.63 0.93 10.22
N LYS A 678 6.69 1.05 11.03
CA LYS A 678 6.78 2.04 12.14
C LYS A 678 6.61 3.52 11.73
N THR A 679 6.68 3.84 10.43
CA THR A 679 6.50 5.20 9.94
C THR A 679 5.03 5.61 9.97
N VAL A 680 4.13 4.63 9.76
CA VAL A 680 2.69 4.87 9.70
C VAL A 680 1.86 4.08 10.74
N SER A 681 2.48 3.20 11.56
CA SER A 681 1.75 2.33 12.50
C SER A 681 0.93 3.10 13.56
N GLN A 682 1.41 4.25 14.04
CA GLN A 682 0.62 5.05 15.01
C GLN A 682 -0.61 5.62 14.33
N ARG A 683 -0.43 6.28 13.17
CA ARG A 683 -1.49 6.90 12.38
C ARG A 683 -2.54 5.88 12.00
N PHE A 684 -2.11 4.74 11.48
CA PHE A 684 -2.95 3.64 11.01
C PHE A 684 -3.61 2.89 12.15
N GLY A 685 -2.90 2.73 13.26
CA GLY A 685 -3.44 2.05 14.44
C GLY A 685 -4.56 2.86 15.06
N LEU A 686 -4.41 4.20 15.09
CA LEU A 686 -5.40 5.14 15.59
C LEU A 686 -6.61 5.15 14.68
N LEU A 687 -6.38 5.13 13.37
CA LEU A 687 -7.45 5.08 12.37
C LEU A 687 -8.21 3.75 12.45
N LEU A 688 -7.49 2.61 12.57
CA LEU A 688 -8.08 1.27 12.71
C LEU A 688 -8.88 1.18 14.03
N GLU A 689 -8.36 1.72 15.15
CA GLU A 689 -9.11 1.71 16.42
C GLU A 689 -10.50 2.35 16.27
N SER A 690 -10.57 3.52 15.63
CA SER A 690 -11.83 4.24 15.44
C SER A 690 -12.75 3.52 14.45
N TYR A 691 -12.17 2.81 13.46
CA TYR A 691 -12.97 2.05 12.53
C TYR A 691 -13.58 0.86 13.25
N CYS A 692 -12.74 0.07 13.96
CA CYS A 692 -13.20 -1.11 14.70
C CYS A 692 -14.20 -0.77 15.76
N ARG A 693 -13.94 0.35 16.47
CA ARG A 693 -14.85 0.85 17.49
C ARG A 693 -16.26 1.13 16.95
N ALA A 694 -16.38 1.56 15.68
CA ALA A 694 -17.67 1.94 15.12
C ALA A 694 -18.21 1.06 13.98
N CYS A 695 -17.53 -0.03 13.58
CA CYS A 695 -18.00 -0.81 12.43
C CYS A 695 -19.13 -1.81 12.73
N GLY A 696 -19.47 -1.97 14.00
CA GLY A 696 -20.51 -2.90 14.42
C GLY A 696 -20.05 -4.34 14.46
N MET A 697 -20.92 -5.23 13.97
CA MET A 697 -20.75 -6.69 13.95
C MET A 697 -19.61 -7.19 13.05
N TYR A 698 -19.19 -6.37 12.08
CA TYR A 698 -18.14 -6.73 11.17
C TYR A 698 -16.80 -6.99 11.90
N LEU A 699 -16.63 -6.43 13.11
CA LEU A 699 -15.46 -6.69 13.94
C LEU A 699 -15.37 -8.20 14.28
N LYS A 700 -16.49 -8.85 14.60
CA LYS A 700 -16.52 -10.28 14.92
C LYS A 700 -16.01 -11.11 13.76
N HIS A 701 -16.41 -10.74 12.52
CA HIS A 701 -16.04 -11.36 11.25
C HIS A 701 -14.59 -11.12 10.88
N LEU A 702 -14.13 -9.87 11.04
CA LEU A 702 -12.76 -9.51 10.78
C LEU A 702 -11.81 -10.27 11.72
N ASN A 703 -12.18 -10.40 13.01
CA ASN A 703 -11.35 -11.12 13.97
C ASN A 703 -11.23 -12.60 13.63
N ARG A 704 -12.27 -13.21 13.06
CA ARG A 704 -12.23 -14.57 12.56
C ARG A 704 -11.24 -14.67 11.37
N GLN A 705 -11.18 -13.65 10.51
CA GLN A 705 -10.25 -13.65 9.37
C GLN A 705 -8.83 -13.48 9.89
N VAL A 706 -8.64 -12.53 10.81
CA VAL A 706 -7.36 -12.23 11.44
C VAL A 706 -6.80 -13.46 12.10
N GLU A 707 -7.62 -14.22 12.87
CA GLU A 707 -7.15 -15.42 13.56
CA GLU A 707 -7.21 -15.45 13.57
C GLU A 707 -6.89 -16.59 12.58
N ALA A 708 -7.64 -16.69 11.47
CA ALA A 708 -7.41 -17.73 10.45
C ALA A 708 -6.05 -17.50 9.83
N MET A 709 -5.75 -16.22 9.53
CA MET A 709 -4.48 -15.81 8.94
C MET A 709 -3.31 -16.06 9.88
N GLU A 710 -3.51 -15.83 11.20
CA GLU A 710 -2.44 -16.03 12.19
C GLU A 710 -1.98 -17.48 12.28
N LYS A 711 -2.91 -18.42 12.30
CA LYS A 711 -2.64 -19.86 12.29
C LYS A 711 -1.86 -20.28 11.04
N LEU A 712 -2.15 -19.67 9.86
CA LEU A 712 -1.49 -19.94 8.56
C LEU A 712 -0.09 -19.37 8.52
N ILE A 713 0.10 -18.20 9.17
CA ILE A 713 1.41 -17.58 9.31
C ILE A 713 2.28 -18.49 10.18
N ASN A 714 1.72 -18.97 11.29
CA ASN A 714 2.46 -19.83 12.22
C ASN A 714 2.83 -21.18 11.58
N LEU A 715 1.85 -21.87 10.98
CA LEU A 715 2.02 -23.12 10.25
C LEU A 715 3.17 -23.02 9.19
N THR A 716 3.19 -21.95 8.37
CA THR A 716 4.24 -21.73 7.36
C THR A 716 5.60 -21.37 8.00
N ASP A 717 5.62 -20.59 9.11
CA ASP A 717 6.86 -20.26 9.85
C ASP A 717 7.58 -21.53 10.33
N ILE A 718 6.83 -22.52 10.83
CA ILE A 718 7.37 -23.82 11.25
C ILE A 718 8.05 -24.53 10.06
N LEU A 719 7.31 -24.64 8.93
CA LEU A 719 7.74 -25.29 7.69
C LEU A 719 9.00 -24.66 7.11
N LYS A 720 9.14 -23.33 7.28
CA LYS A 720 10.24 -22.52 6.78
C LYS A 720 11.42 -22.47 7.76
N GLN A 721 11.17 -22.64 9.09
CA GLN A 721 12.24 -22.56 10.09
C GLN A 721 12.69 -23.93 10.62
N GLU A 722 12.13 -24.48 11.71
CA GLU A 722 12.49 -25.79 12.30
C GLU A 722 12.43 -26.96 11.32
N LYS A 723 11.42 -26.98 10.45
CA LYS A 723 11.23 -28.07 9.51
C LYS A 723 11.74 -27.77 8.10
N LYS A 724 12.60 -26.72 7.93
CA LYS A 724 13.10 -26.35 6.59
C LYS A 724 13.83 -27.48 5.85
N ASP A 725 14.63 -28.32 6.58
CA ASP A 725 15.42 -29.40 5.94
C ASP A 725 14.62 -30.70 5.71
N GLU A 726 13.35 -30.73 6.15
CA GLU A 726 12.48 -31.90 5.99
C GLU A 726 11.98 -32.06 4.57
N THR A 727 11.66 -33.29 4.21
CA THR A 727 11.19 -33.64 2.87
C THR A 727 9.75 -33.20 2.67
N GLN A 728 9.28 -33.24 1.42
CA GLN A 728 7.90 -32.89 1.09
C GLN A 728 6.90 -33.82 1.77
N LYS A 729 7.22 -35.14 1.80
CA LYS A 729 6.39 -36.19 2.40
C LYS A 729 6.22 -35.99 3.92
N VAL A 730 7.32 -35.70 4.61
CA VAL A 730 7.38 -35.45 6.05
C VAL A 730 6.65 -34.13 6.40
N GLN A 731 6.86 -33.04 5.60
CA GLN A 731 6.21 -31.73 5.77
C GLN A 731 4.70 -31.91 5.56
N MET A 732 4.32 -32.66 4.53
CA MET A 732 2.92 -32.97 4.22
C MET A 732 2.22 -33.76 5.31
N LYS A 733 2.94 -34.68 5.95
CA LYS A 733 2.43 -35.49 7.05
C LYS A 733 2.15 -34.58 8.23
N PHE A 734 3.05 -33.59 8.46
CA PHE A 734 2.92 -32.60 9.54
C PHE A 734 1.69 -31.68 9.32
N LEU A 735 1.54 -31.12 8.10
CA LEU A 735 0.41 -30.30 7.70
C LEU A 735 -0.93 -31.05 7.93
N VAL A 736 -1.03 -32.31 7.46
CA VAL A 736 -2.23 -33.15 7.60
C VAL A 736 -2.64 -33.31 9.07
N GLU A 737 -1.67 -33.65 9.95
CA GLU A 737 -1.90 -33.84 11.40
C GLU A 737 -2.38 -32.55 12.10
N GLN A 738 -1.67 -31.43 11.84
CA GLN A 738 -1.96 -30.07 12.32
C GLN A 738 -3.30 -29.54 11.90
N MET A 739 -3.66 -29.69 10.60
CA MET A 739 -4.93 -29.19 10.07
C MET A 739 -6.15 -29.93 10.60
N ARG A 740 -5.95 -31.16 11.12
CA ARG A 740 -7.01 -32.00 11.71
C ARG A 740 -7.35 -31.57 13.13
N ARG A 741 -6.46 -30.82 13.81
CA ARG A 741 -6.68 -30.40 15.21
C ARG A 741 -7.88 -29.47 15.36
N PRO A 742 -8.74 -29.68 16.41
CA PRO A 742 -9.96 -28.84 16.56
C PRO A 742 -9.68 -27.36 16.64
N ASP A 743 -8.58 -26.92 17.30
CA ASP A 743 -8.21 -25.50 17.39
C ASP A 743 -8.03 -24.93 15.99
N PHE A 744 -7.39 -25.69 15.08
CA PHE A 744 -7.14 -25.28 13.70
C PHE A 744 -8.43 -25.30 12.90
N MET A 745 -9.18 -26.36 13.04
CA MET A 745 -10.43 -26.61 12.39
C MET A 745 -11.46 -25.52 12.70
N ASP A 746 -11.52 -25.07 13.98
CA ASP A 746 -12.45 -24.04 14.43
C ASP A 746 -12.11 -22.71 13.81
N ALA A 747 -10.82 -22.34 13.79
CA ALA A 747 -10.32 -21.09 13.22
C ALA A 747 -10.35 -21.03 11.67
N LEU A 748 -10.08 -22.16 10.98
CA LEU A 748 -9.99 -22.09 9.54
C LEU A 748 -11.23 -22.53 8.80
N GLN A 749 -12.34 -22.74 9.51
CA GLN A 749 -13.58 -23.05 8.82
C GLN A 749 -14.65 -22.05 9.24
N GLY A 750 -15.54 -21.69 8.33
CA GLY A 750 -16.62 -20.78 8.67
C GLY A 750 -16.26 -19.34 8.90
N PHE A 751 -15.56 -18.72 7.94
CA PHE A 751 -15.21 -17.30 7.96
C PHE A 751 -15.38 -16.75 6.51
N LEU A 752 -15.25 -15.44 6.32
CA LEU A 752 -15.40 -14.78 5.03
C LEU A 752 -14.05 -14.64 4.39
N SER A 753 -13.99 -14.74 3.06
CA SER A 753 -12.73 -14.66 2.37
C SER A 753 -12.16 -13.26 2.42
N PRO A 754 -10.93 -13.06 2.95
CA PRO A 754 -10.33 -11.72 2.89
C PRO A 754 -10.15 -11.18 1.45
N LEU A 755 -10.12 -12.06 0.42
CA LEU A 755 -10.02 -11.66 -1.00
C LEU A 755 -11.35 -11.02 -1.46
N ASN A 756 -12.47 -11.64 -1.10
CA ASN A 756 -13.79 -11.15 -1.42
C ASN A 756 -14.70 -11.59 -0.31
N PRO A 757 -15.10 -10.66 0.58
CA PRO A 757 -15.98 -11.06 1.71
C PRO A 757 -17.38 -11.56 1.30
N ALA A 758 -17.74 -11.45 0.01
CA ALA A 758 -19.00 -11.98 -0.51
C ALA A 758 -18.93 -13.53 -0.55
N HIS A 759 -17.72 -14.09 -0.64
CA HIS A 759 -17.48 -15.54 -0.66
C HIS A 759 -17.32 -16.07 0.79
N GLN A 760 -18.16 -17.02 1.16
CA GLN A 760 -18.09 -17.66 2.48
C GLN A 760 -17.21 -18.90 2.42
N LEU A 761 -16.29 -19.02 3.37
CA LEU A 761 -15.39 -20.17 3.37
C LEU A 761 -15.93 -21.09 4.42
N GLY A 762 -16.50 -22.21 3.98
CA GLY A 762 -17.11 -23.17 4.88
C GLY A 762 -16.11 -24.15 5.43
N ASN A 763 -16.45 -25.43 5.33
CA ASN A 763 -15.57 -26.52 5.71
C ASN A 763 -14.45 -26.63 4.72
N LEU A 764 -13.24 -26.88 5.24
CA LEU A 764 -12.03 -27.13 4.48
C LEU A 764 -12.17 -28.47 3.74
N ARG A 765 -11.60 -28.56 2.51
CA ARG A 765 -11.49 -29.80 1.73
C ARG A 765 -10.07 -30.27 1.96
N LEU A 766 -9.81 -30.87 3.13
CA LEU A 766 -8.48 -31.27 3.60
C LEU A 766 -7.66 -32.12 2.64
N GLU A 767 -8.33 -32.97 1.84
CA GLU A 767 -7.67 -33.82 0.86
C GLU A 767 -7.08 -33.00 -0.32
N GLU A 768 -7.59 -31.76 -0.52
CA GLU A 768 -7.14 -30.81 -1.55
C GLU A 768 -6.16 -29.75 -1.02
N CYS A 769 -5.85 -29.77 0.28
CA CYS A 769 -4.92 -28.81 0.91
C CYS A 769 -3.52 -29.38 0.93
N ARG A 770 -2.56 -28.62 0.40
CA ARG A 770 -1.19 -29.07 0.23
C ARG A 770 -0.22 -27.93 0.34
N ILE A 771 1.07 -28.28 0.59
CA ILE A 771 2.21 -27.38 0.59
C ILE A 771 2.72 -27.42 -0.84
N MET A 772 2.81 -26.27 -1.48
CA MET A 772 3.30 -26.17 -2.85
C MET A 772 4.83 -26.29 -2.94
N SER A 773 5.30 -26.71 -4.11
CA SER A 773 6.72 -26.97 -4.42
C SER A 773 7.67 -25.73 -4.42
N SER A 774 7.13 -24.52 -4.56
CA SER A 774 7.87 -23.25 -4.55
C SER A 774 8.59 -22.99 -3.21
N ALA A 775 9.70 -22.27 -3.30
CA ALA A 775 10.71 -21.96 -2.28
C ALA A 775 10.24 -21.45 -0.87
N LYS A 776 9.15 -20.63 -0.77
CA LYS A 776 8.77 -20.10 0.56
C LYS A 776 7.60 -20.87 1.21
N ARG A 777 7.35 -22.10 0.72
CA ARG A 777 6.31 -23.02 1.20
C ARG A 777 4.88 -22.44 1.10
N PRO A 778 4.39 -22.09 -0.12
CA PRO A 778 3.01 -21.59 -0.20
C PRO A 778 2.04 -22.70 0.16
N LEU A 779 0.87 -22.33 0.68
CA LEU A 779 -0.15 -23.32 1.01
C LEU A 779 -1.22 -23.14 0.01
N TRP A 780 -1.67 -24.25 -0.57
CA TRP A 780 -2.76 -24.28 -1.53
C TRP A 780 -3.91 -24.81 -0.68
N LEU A 781 -4.95 -23.98 -0.52
CA LEU A 781 -6.11 -24.31 0.31
C LEU A 781 -7.37 -24.23 -0.48
N ASN A 782 -8.38 -24.99 -0.07
CA ASN A 782 -9.71 -24.97 -0.68
C ASN A 782 -10.77 -25.21 0.40
N TRP A 783 -11.92 -24.59 0.27
CA TRP A 783 -13.01 -24.72 1.22
C TRP A 783 -14.26 -24.93 0.42
N GLU A 784 -15.25 -25.55 1.03
CA GLU A 784 -16.59 -25.72 0.47
C GLU A 784 -17.24 -24.34 0.48
N ASN A 785 -18.17 -24.11 -0.45
CA ASN A 785 -18.93 -22.87 -0.42
C ASN A 785 -20.21 -23.29 0.29
N PRO A 786 -20.50 -22.73 1.51
CA PRO A 786 -21.70 -23.15 2.23
C PRO A 786 -23.02 -22.58 1.68
N ASP A 787 -22.98 -21.72 0.63
CA ASP A 787 -24.19 -21.13 0.06
C ASP A 787 -25.12 -22.22 -0.51
N ILE A 788 -26.43 -22.17 -0.14
CA ILE A 788 -27.47 -23.15 -0.55
C ILE A 788 -27.45 -23.46 -2.05
N MET A 789 -27.03 -22.49 -2.87
CA MET A 789 -26.99 -22.52 -4.32
C MET A 789 -25.57 -22.49 -4.88
N SER A 790 -24.59 -23.03 -4.11
CA SER A 790 -23.15 -23.03 -4.44
C SER A 790 -22.80 -23.63 -5.80
N GLU A 791 -23.59 -24.63 -6.26
CA GLU A 791 -23.44 -25.39 -7.51
C GLU A 791 -23.42 -24.49 -8.74
N LEU A 792 -24.17 -23.38 -8.68
CA LEU A 792 -24.33 -22.46 -9.80
C LEU A 792 -23.18 -21.47 -10.00
N LEU A 793 -22.53 -20.98 -8.92
CA LEU A 793 -21.46 -20.00 -9.07
C LEU A 793 -20.07 -20.57 -8.84
N PHE A 794 -19.75 -20.86 -7.57
CA PHE A 794 -18.43 -21.40 -7.25
C PHE A 794 -18.51 -22.44 -6.17
N GLN A 795 -18.36 -23.70 -6.59
CA GLN A 795 -18.33 -24.84 -5.70
C GLN A 795 -16.95 -24.88 -5.03
N ASN A 796 -15.96 -24.21 -5.66
CA ASN A 796 -14.58 -24.14 -5.18
C ASN A 796 -14.14 -22.73 -4.77
N ASN A 797 -13.34 -22.70 -3.67
CA ASN A 797 -12.77 -21.49 -3.11
CA ASN A 797 -12.78 -21.51 -3.05
C ASN A 797 -11.26 -21.65 -2.89
N GLU A 798 -10.57 -21.97 -3.99
CA GLU A 798 -9.12 -22.20 -3.97
C GLU A 798 -8.31 -20.94 -3.84
N ILE A 799 -7.46 -20.91 -2.80
CA ILE A 799 -6.62 -19.76 -2.46
C ILE A 799 -5.22 -20.22 -2.14
N ILE A 800 -4.22 -19.45 -2.57
CA ILE A 800 -2.84 -19.70 -2.26
C ILE A 800 -2.49 -18.73 -1.16
N PHE A 801 -1.98 -19.27 -0.06
CA PHE A 801 -1.52 -18.46 1.05
C PHE A 801 0.00 -18.40 0.92
N LYS A 802 0.58 -17.19 0.87
CA LYS A 802 2.02 -17.10 0.75
C LYS A 802 2.63 -16.20 1.83
N ASN A 803 3.50 -16.80 2.65
CA ASN A 803 4.22 -16.13 3.70
C ASN A 803 5.71 -16.12 3.29
N GLY A 804 6.20 -14.96 2.91
CA GLY A 804 7.59 -14.84 2.50
C GLY A 804 7.90 -13.72 1.53
N ASP A 805 7.00 -13.47 0.58
CA ASP A 805 7.25 -12.41 -0.40
C ASP A 805 6.27 -11.26 -0.27
N ASP A 806 6.74 -10.06 -0.63
CA ASP A 806 5.91 -8.85 -0.64
C ASP A 806 5.00 -8.96 -1.86
N LEU A 807 3.69 -8.89 -1.64
CA LEU A 807 2.69 -8.99 -2.69
C LEU A 807 2.07 -7.64 -3.07
N ARG A 808 2.57 -6.53 -2.48
CA ARG A 808 2.06 -5.17 -2.77
C ARG A 808 2.12 -4.80 -4.26
N GLN A 809 3.33 -4.93 -4.90
CA GLN A 809 3.54 -4.68 -6.34
C GLN A 809 2.55 -5.49 -7.21
N ASP A 810 2.35 -6.79 -6.91
CA ASP A 810 1.40 -7.66 -7.66
C ASP A 810 -0.01 -7.10 -7.57
N MET A 811 -0.41 -6.80 -6.34
CA MET A 811 -1.69 -6.22 -5.97
C MET A 811 -1.88 -4.88 -6.76
N LEU A 812 -0.85 -4.01 -6.83
CA LEU A 812 -0.92 -2.78 -7.64
C LEU A 812 -1.10 -3.11 -9.17
N THR A 813 -0.27 -4.03 -9.72
CA THR A 813 -0.32 -4.46 -11.13
C THR A 813 -1.71 -5.00 -11.54
N LEU A 814 -2.26 -5.91 -10.73
CA LEU A 814 -3.59 -6.50 -10.93
C LEU A 814 -4.71 -5.48 -10.85
N GLN A 815 -4.51 -4.39 -10.08
CA GLN A 815 -5.47 -3.28 -9.98
C GLN A 815 -5.48 -2.52 -11.32
N ILE A 816 -4.28 -2.16 -11.83
CA ILE A 816 -4.03 -1.47 -13.09
C ILE A 816 -4.63 -2.25 -14.27
N ILE A 817 -4.37 -3.60 -14.35
CA ILE A 817 -4.90 -4.52 -15.37
C ILE A 817 -6.43 -4.47 -15.36
N ARG A 818 -7.01 -4.41 -14.16
CA ARG A 818 -8.46 -4.29 -13.97
C ARG A 818 -8.97 -2.95 -14.52
N ILE A 819 -8.26 -1.85 -14.23
CA ILE A 819 -8.65 -0.51 -14.67
C ILE A 819 -8.49 -0.39 -16.21
N MET A 820 -7.39 -0.93 -16.76
CA MET A 820 -7.10 -0.96 -18.20
C MET A 820 -8.20 -1.73 -18.93
N GLU A 821 -8.58 -2.94 -18.44
CA GLU A 821 -9.64 -3.78 -19.01
C GLU A 821 -10.99 -3.04 -18.94
N ASN A 822 -11.22 -2.27 -17.88
CA ASN A 822 -12.42 -1.46 -17.73
C ASN A 822 -12.43 -0.34 -18.80
N ILE A 823 -11.25 0.28 -19.12
CA ILE A 823 -11.15 1.32 -20.15
C ILE A 823 -11.55 0.71 -21.50
N TRP A 824 -10.97 -0.47 -21.81
CA TRP A 824 -11.21 -1.17 -23.07
C TRP A 824 -12.67 -1.50 -23.28
N GLN A 825 -13.33 -2.12 -22.30
CA GLN A 825 -14.76 -2.49 -22.31
C GLN A 825 -15.64 -1.27 -22.54
N ASN A 826 -15.36 -0.17 -21.84
CA ASN A 826 -16.12 1.09 -21.98
C ASN A 826 -16.06 1.68 -23.38
N GLN A 827 -14.96 1.41 -24.11
CA GLN A 827 -14.67 1.81 -25.49
C GLN A 827 -15.08 0.73 -26.50
N GLY A 828 -15.80 -0.29 -26.05
CA GLY A 828 -16.25 -1.36 -26.93
C GLY A 828 -15.20 -2.40 -27.30
N LEU A 829 -14.05 -2.43 -26.59
CA LEU A 829 -13.01 -3.42 -26.84
C LEU A 829 -13.13 -4.59 -25.87
N ASP A 830 -13.51 -5.78 -26.38
CA ASP A 830 -13.65 -6.96 -25.55
C ASP A 830 -12.33 -7.70 -25.40
N LEU A 831 -11.37 -7.05 -24.79
CA LEU A 831 -10.09 -7.68 -24.53
C LEU A 831 -10.23 -8.19 -23.11
N ARG A 832 -10.39 -9.51 -22.98
CA ARG A 832 -10.64 -10.12 -21.70
C ARG A 832 -9.35 -10.34 -20.95
N MET A 833 -9.24 -9.66 -19.81
CA MET A 833 -8.10 -9.74 -18.91
C MET A 833 -8.50 -10.59 -17.74
N LEU A 834 -7.53 -11.00 -16.97
CA LEU A 834 -7.86 -11.77 -15.78
C LEU A 834 -7.20 -11.22 -14.50
N PRO A 835 -7.68 -10.11 -13.89
CA PRO A 835 -7.00 -9.63 -12.66
C PRO A 835 -7.45 -10.46 -11.44
N TYR A 836 -6.81 -11.63 -11.24
CA TYR A 836 -7.17 -12.56 -10.15
C TYR A 836 -6.94 -11.87 -8.81
N GLY A 837 -7.69 -12.28 -7.80
CA GLY A 837 -7.55 -11.73 -6.46
C GLY A 837 -6.15 -11.83 -5.90
N CYS A 838 -5.72 -10.74 -5.27
CA CYS A 838 -4.45 -10.63 -4.59
C CYS A 838 -4.54 -9.55 -3.54
N LEU A 839 -4.21 -9.95 -2.32
CA LEU A 839 -4.27 -9.09 -1.16
C LEU A 839 -3.09 -9.31 -0.25
N SER A 840 -2.37 -8.23 0.03
CA SER A 840 -1.28 -8.16 0.98
C SER A 840 -1.98 -8.05 2.38
N ILE A 841 -1.71 -8.99 3.30
CA ILE A 841 -2.43 -8.98 4.59
C ILE A 841 -1.47 -8.65 5.75
N GLY A 842 -0.18 -8.56 5.44
CA GLY A 842 0.83 -8.23 6.42
C GLY A 842 2.17 -7.96 5.77
N ASP A 843 3.25 -8.08 6.53
CA ASP A 843 4.58 -7.86 6.05
C ASP A 843 5.01 -9.13 5.30
N CYS A 844 5.05 -9.04 3.96
CA CYS A 844 5.37 -10.14 3.05
C CYS A 844 4.50 -11.35 3.29
N VAL A 845 3.20 -11.10 3.56
CA VAL A 845 2.18 -12.13 3.78
C VAL A 845 1.02 -11.76 2.84
N GLY A 846 0.47 -12.79 2.18
CA GLY A 846 -0.62 -12.55 1.25
C GLY A 846 -1.41 -13.73 0.73
N LEU A 847 -2.53 -13.37 0.08
CA LEU A 847 -3.46 -14.27 -0.55
C LEU A 847 -3.50 -14.03 -2.05
N ILE A 848 -3.59 -15.15 -2.81
CA ILE A 848 -3.71 -15.21 -4.27
C ILE A 848 -4.93 -16.09 -4.59
N GLU A 849 -5.88 -15.56 -5.36
CA GLU A 849 -7.05 -16.33 -5.83
C GLU A 849 -6.57 -17.26 -6.96
N VAL A 850 -6.84 -18.55 -6.80
CA VAL A 850 -6.47 -19.55 -7.81
C VAL A 850 -7.44 -19.45 -8.98
N VAL A 851 -6.90 -19.52 -10.18
CA VAL A 851 -7.68 -19.55 -11.41
C VAL A 851 -7.86 -21.01 -11.75
N ARG A 852 -9.09 -21.47 -11.70
CA ARG A 852 -9.47 -22.85 -12.00
C ARG A 852 -9.39 -23.18 -13.51
N ASN A 853 -9.06 -24.46 -13.82
CA ASN A 853 -8.97 -25.04 -15.17
C ASN A 853 -7.95 -24.31 -16.05
N SER A 854 -6.73 -24.14 -15.52
CA SER A 854 -5.70 -23.43 -16.22
C SER A 854 -4.39 -24.12 -16.01
N HIS A 855 -3.48 -23.94 -16.97
CA HIS A 855 -2.15 -24.56 -16.95
C HIS A 855 -1.12 -23.60 -17.49
N THR A 856 0.13 -23.72 -17.04
CA THR A 856 1.22 -22.90 -17.56
C THR A 856 1.58 -23.45 -18.95
N ILE A 857 2.30 -22.66 -19.77
CA ILE A 857 2.74 -23.08 -21.11
C ILE A 857 3.65 -24.33 -20.94
N MET A 858 4.60 -24.28 -19.99
CA MET A 858 5.53 -25.36 -19.65
C MET A 858 4.80 -26.66 -19.22
N GLN A 859 3.59 -26.53 -18.61
CA GLN A 859 2.76 -27.68 -18.20
C GLN A 859 2.14 -28.32 -19.44
N ILE A 860 1.67 -27.48 -20.39
CA ILE A 860 1.02 -27.86 -21.66
C ILE A 860 2.03 -28.59 -22.54
N GLN A 861 3.27 -28.06 -22.59
CA GLN A 861 4.39 -28.58 -23.38
C GLN A 861 4.83 -29.99 -22.95
N CYS A 862 4.27 -30.49 -21.81
CA CYS A 862 4.49 -31.79 -21.22
C CYS A 862 3.21 -32.62 -21.26
N GLN A 871 6.03 -33.58 -25.23
CA GLN A 871 5.99 -33.97 -26.64
C GLN A 871 7.11 -33.32 -27.46
N PHE A 872 7.58 -32.10 -27.04
CA PHE A 872 8.69 -31.29 -27.61
C PHE A 872 8.32 -30.20 -28.66
N ASN A 873 7.07 -30.12 -29.12
CA ASN A 873 6.75 -29.27 -30.27
C ASN A 873 6.50 -27.75 -30.04
N SER A 874 6.29 -27.05 -31.19
CA SER A 874 5.98 -25.64 -31.36
C SER A 874 4.51 -25.51 -31.81
N HIS A 875 3.87 -26.65 -32.08
CA HIS A 875 2.47 -26.74 -32.47
C HIS A 875 1.66 -27.28 -31.29
N THR A 876 2.39 -27.82 -30.26
CA THR A 876 1.87 -28.43 -29.01
C THR A 876 0.70 -27.62 -28.39
N LEU A 877 0.89 -26.27 -28.24
CA LEU A 877 -0.10 -25.35 -27.67
C LEU A 877 -1.41 -25.35 -28.44
N HIS A 878 -1.35 -25.12 -29.77
CA HIS A 878 -2.54 -25.13 -30.62
C HIS A 878 -3.23 -26.51 -30.63
N GLN A 879 -2.43 -27.60 -30.61
CA GLN A 879 -2.93 -28.98 -30.58
C GLN A 879 -3.67 -29.22 -29.26
N TRP A 880 -3.09 -28.76 -28.13
CA TRP A 880 -3.68 -28.81 -26.78
C TRP A 880 -5.02 -28.08 -26.76
N LEU A 881 -5.09 -26.87 -27.37
CA LEU A 881 -6.31 -26.06 -27.42
C LEU A 881 -7.39 -26.65 -28.32
N LYS A 882 -6.97 -27.30 -29.44
CA LYS A 882 -7.87 -27.95 -30.38
C LYS A 882 -8.58 -29.11 -29.67
N ASP A 883 -7.80 -29.94 -28.93
CA ASP A 883 -8.29 -31.09 -28.15
C ASP A 883 -9.20 -30.72 -26.97
N LYS A 884 -9.11 -29.48 -26.46
CA LYS A 884 -9.96 -28.98 -25.36
C LYS A 884 -11.22 -28.31 -25.87
N ASN A 885 -11.20 -27.81 -27.13
CA ASN A 885 -12.32 -27.09 -27.73
C ASN A 885 -12.77 -27.61 -29.12
N LYS A 886 -12.64 -28.92 -29.35
CA LYS A 886 -13.07 -29.60 -30.57
C LYS A 886 -14.55 -29.35 -30.93
N GLY A 887 -14.83 -29.26 -32.23
CA GLY A 887 -16.18 -29.04 -32.75
C GLY A 887 -16.48 -27.58 -32.99
N GLU A 888 -17.75 -27.21 -32.81
CA GLU A 888 -18.31 -25.85 -33.01
C GLU A 888 -17.69 -24.76 -32.10
N ILE A 889 -17.24 -25.14 -30.90
CA ILE A 889 -16.68 -24.25 -29.87
C ILE A 889 -15.18 -23.91 -30.09
N TYR A 890 -14.60 -24.34 -31.23
CA TYR A 890 -13.21 -24.07 -31.60
C TYR A 890 -12.95 -22.58 -31.90
N ASP A 891 -13.89 -21.93 -32.61
CA ASP A 891 -13.82 -20.52 -33.01
C ASP A 891 -13.78 -19.56 -31.84
N ALA A 892 -14.64 -19.82 -30.81
CA ALA A 892 -14.76 -19.07 -29.56
C ALA A 892 -13.44 -19.09 -28.75
N ALA A 893 -12.75 -20.26 -28.69
CA ALA A 893 -11.47 -20.46 -28.02
C ALA A 893 -10.32 -19.67 -28.67
N ILE A 894 -10.23 -19.65 -30.02
CA ILE A 894 -9.20 -18.92 -30.77
C ILE A 894 -9.48 -17.40 -30.62
N ASP A 895 -10.74 -16.99 -30.63
CA ASP A 895 -11.11 -15.59 -30.44
C ASP A 895 -10.59 -15.11 -29.07
N LEU A 896 -11.01 -15.81 -28.00
CA LEU A 896 -10.66 -15.59 -26.62
C LEU A 896 -9.15 -15.54 -26.38
N PHE A 897 -8.41 -16.52 -26.96
CA PHE A 897 -6.97 -16.57 -26.88
C PHE A 897 -6.35 -15.32 -27.48
N THR A 898 -6.83 -14.90 -28.66
CA THR A 898 -6.36 -13.74 -29.43
C THR A 898 -6.59 -12.44 -28.67
N ARG A 899 -7.82 -12.26 -28.15
CA ARG A 899 -8.27 -11.09 -27.37
C ARG A 899 -7.50 -10.91 -26.07
N SER A 900 -7.36 -12.00 -25.28
CA SER A 900 -6.59 -12.02 -24.02
C SER A 900 -5.11 -11.77 -24.31
N CYS A 901 -4.61 -12.31 -25.42
CA CYS A 901 -3.24 -12.17 -25.89
C CYS A 901 -2.93 -10.72 -26.20
N ALA A 902 -3.85 -10.02 -26.85
CA ALA A 902 -3.66 -8.62 -27.21
C ALA A 902 -3.56 -7.71 -25.97
N GLY A 903 -4.51 -7.88 -25.04
CA GLY A 903 -4.59 -7.18 -23.77
C GLY A 903 -3.33 -7.29 -22.92
N TYR A 904 -2.82 -8.54 -22.78
CA TYR A 904 -1.60 -8.86 -22.04
C TYR A 904 -0.36 -8.34 -22.72
N CYS A 905 -0.38 -8.33 -24.06
CA CYS A 905 0.71 -7.82 -24.90
C CYS A 905 0.87 -6.29 -24.66
N VAL A 906 -0.23 -5.54 -24.76
CA VAL A 906 -0.26 -4.09 -24.55
C VAL A 906 0.01 -3.75 -23.05
N ALA A 907 -0.70 -4.40 -22.10
CA ALA A 907 -0.56 -4.15 -20.66
C ALA A 907 0.84 -4.36 -20.14
N THR A 908 1.48 -5.50 -20.47
CA THR A 908 2.83 -5.82 -19.99
C THR A 908 3.86 -4.90 -20.60
N PHE A 909 3.65 -4.51 -21.88
CA PHE A 909 4.57 -3.57 -22.53
C PHE A 909 4.50 -2.20 -21.86
N ILE A 910 3.28 -1.63 -21.73
CA ILE A 910 3.09 -0.32 -21.09
C ILE A 910 3.72 -0.28 -19.70
N LEU A 911 3.48 -1.33 -18.89
CA LEU A 911 3.89 -1.43 -17.50
C LEU A 911 5.34 -1.87 -17.27
N GLY A 912 5.94 -2.54 -18.25
CA GLY A 912 7.31 -3.02 -18.15
C GLY A 912 7.48 -4.07 -17.08
N ILE A 913 6.53 -5.05 -17.09
CA ILE A 913 6.41 -6.21 -16.19
C ILE A 913 7.63 -7.15 -16.33
N GLY A 914 7.91 -7.94 -15.28
CA GLY A 914 8.99 -8.94 -15.28
C GLY A 914 8.93 -9.85 -16.49
N ASP A 915 10.09 -10.22 -17.06
CA ASP A 915 10.16 -11.05 -18.29
C ASP A 915 9.17 -12.22 -18.32
N ARG A 916 8.48 -12.38 -19.44
CA ARG A 916 7.57 -13.51 -19.58
C ARG A 916 8.32 -14.77 -19.99
N HIS A 917 7.86 -15.93 -19.48
CA HIS A 917 8.37 -17.26 -19.77
C HIS A 917 7.25 -18.26 -19.59
N ASN A 918 7.47 -19.50 -20.00
CA ASN A 918 6.51 -20.60 -20.03
C ASN A 918 5.84 -20.97 -18.67
N SER A 919 6.45 -20.57 -17.53
CA SER A 919 5.95 -20.78 -16.16
C SER A 919 5.05 -19.61 -15.65
N ASN A 920 5.28 -18.39 -16.19
CA ASN A 920 4.65 -17.09 -15.95
C ASN A 920 3.36 -16.86 -16.75
N ILE A 921 3.11 -17.70 -17.77
CA ILE A 921 1.98 -17.55 -18.70
C ILE A 921 1.09 -18.75 -18.59
N MET A 922 -0.18 -18.50 -18.30
CA MET A 922 -1.16 -19.55 -18.14
C MET A 922 -2.30 -19.41 -19.14
N VAL A 923 -2.93 -20.52 -19.46
CA VAL A 923 -4.04 -20.60 -20.39
C VAL A 923 -5.11 -21.46 -19.76
N LYS A 924 -6.32 -20.94 -19.75
CA LYS A 924 -7.52 -21.59 -19.32
C LYS A 924 -7.95 -22.61 -20.40
N ASP A 925 -8.76 -23.60 -20.00
CA ASP A 925 -9.31 -24.63 -20.86
C ASP A 925 -10.12 -24.06 -22.05
N ASP A 926 -10.84 -22.92 -21.87
CA ASP A 926 -11.65 -22.28 -22.91
C ASP A 926 -10.85 -21.33 -23.86
N GLY A 927 -9.52 -21.35 -23.74
CA GLY A 927 -8.64 -20.52 -24.54
C GLY A 927 -8.05 -19.28 -23.88
N GLN A 928 -8.70 -18.75 -22.81
CA GLN A 928 -8.30 -17.52 -22.10
C GLN A 928 -6.86 -17.53 -21.59
N LEU A 929 -6.04 -16.61 -22.10
CA LEU A 929 -4.65 -16.50 -21.67
C LEU A 929 -4.53 -15.42 -20.57
N PHE A 930 -3.63 -15.61 -19.62
CA PHE A 930 -3.33 -14.67 -18.56
C PHE A 930 -1.89 -14.82 -18.07
N HIS A 931 -1.40 -13.79 -17.41
CA HIS A 931 -0.08 -13.76 -16.82
C HIS A 931 -0.22 -13.83 -15.31
N ILE A 932 0.78 -14.43 -14.67
CA ILE A 932 0.87 -14.57 -13.22
C ILE A 932 2.24 -14.09 -12.80
N ASP A 933 2.38 -13.79 -11.50
CA ASP A 933 3.61 -13.34 -10.88
C ASP A 933 4.00 -11.96 -11.40
N PHE A 934 3.43 -10.93 -10.74
CA PHE A 934 3.69 -9.54 -11.06
C PHE A 934 4.56 -8.87 -9.99
N GLY A 935 5.69 -9.50 -9.70
CA GLY A 935 6.63 -9.01 -8.71
C GLY A 935 7.46 -7.84 -9.16
N HIS A 936 7.53 -7.59 -10.50
CA HIS A 936 8.33 -6.50 -11.05
C HIS A 936 7.59 -5.69 -12.08
N PHE A 937 7.94 -4.39 -12.17
CA PHE A 937 7.34 -3.45 -13.11
C PHE A 937 8.20 -2.21 -13.31
N LEU A 938 7.84 -1.39 -14.29
CA LEU A 938 8.54 -0.16 -14.67
C LEU A 938 10.03 -0.41 -14.95
N ASP A 939 10.90 0.58 -14.66
CA ASP A 939 12.34 0.48 -14.94
C ASP A 939 13.15 -0.32 -13.89
N HIS A 940 12.88 -1.63 -13.76
CA HIS A 940 13.57 -2.44 -12.76
C HIS A 940 15.03 -2.82 -13.14
N LYS A 941 15.45 -2.58 -14.40
CA LYS A 941 16.80 -2.93 -14.86
C LYS A 941 17.72 -1.75 -15.14
N LYS A 942 17.25 -0.48 -14.97
CA LYS A 942 18.02 0.74 -15.21
C LYS A 942 19.28 0.85 -14.35
N LYS A 943 19.17 0.60 -13.02
CA LYS A 943 20.31 0.66 -12.09
C LYS A 943 21.26 -0.53 -12.26
N LYS A 944 20.70 -1.76 -12.45
CA LYS A 944 21.44 -3.01 -12.62
C LYS A 944 22.26 -3.05 -13.92
N PHE A 945 21.66 -2.68 -15.05
CA PHE A 945 22.30 -2.63 -16.36
C PHE A 945 21.95 -1.27 -16.98
N GLY A 946 22.95 -0.40 -17.14
CA GLY A 946 22.80 0.95 -17.65
C GLY A 946 22.16 1.15 -19.02
N TYR A 947 21.69 0.03 -19.63
CA TYR A 947 21.01 -0.06 -20.93
C TYR A 947 19.70 0.74 -20.93
N LYS A 948 19.43 1.47 -22.05
CA LYS A 948 18.23 2.30 -22.21
C LYS A 948 17.41 1.93 -23.45
N ARG A 949 16.49 0.93 -23.28
CA ARG A 949 15.58 0.40 -24.29
C ARG A 949 14.34 -0.20 -23.59
N GLU A 950 13.13 0.17 -24.04
CA GLU A 950 11.87 -0.32 -23.45
C GLU A 950 11.68 -1.76 -23.84
N ARG A 951 11.72 -2.65 -22.87
CA ARG A 951 11.59 -4.07 -23.11
C ARG A 951 10.19 -4.44 -23.58
N VAL A 952 10.09 -5.56 -24.31
CA VAL A 952 8.80 -6.12 -24.70
C VAL A 952 8.76 -7.39 -23.89
N PRO A 953 8.15 -7.33 -22.68
CA PRO A 953 8.15 -8.52 -21.79
C PRO A 953 7.46 -9.73 -22.39
N PHE A 954 6.35 -9.52 -23.09
CA PHE A 954 5.55 -10.59 -23.67
C PHE A 954 5.72 -10.71 -25.22
N VAL A 955 6.78 -11.45 -25.62
CA VAL A 955 7.09 -11.68 -27.04
C VAL A 955 6.30 -12.90 -27.52
N LEU A 956 5.37 -12.66 -28.46
CA LEU A 956 4.52 -13.68 -29.05
C LEU A 956 5.29 -14.56 -30.00
N THR A 957 5.87 -15.63 -29.46
CA THR A 957 6.62 -16.64 -30.18
C THR A 957 5.73 -17.41 -31.13
N GLN A 958 6.35 -18.26 -31.97
CA GLN A 958 5.72 -19.12 -32.96
C GLN A 958 4.48 -19.84 -32.40
N ASP A 959 4.58 -20.41 -31.15
CA ASP A 959 3.50 -21.11 -30.42
C ASP A 959 2.20 -20.31 -30.35
N PHE A 960 2.27 -19.04 -29.88
CA PHE A 960 1.13 -18.13 -29.73
C PHE A 960 0.65 -17.68 -31.11
N LEU A 961 1.59 -17.55 -32.07
CA LEU A 961 1.28 -17.14 -33.46
C LEU A 961 0.48 -18.23 -34.20
N ILE A 962 0.92 -19.51 -34.09
CA ILE A 962 0.25 -20.69 -34.65
C ILE A 962 -1.18 -20.76 -34.12
N VAL A 963 -1.42 -20.46 -32.81
CA VAL A 963 -2.77 -20.46 -32.22
C VAL A 963 -3.63 -19.38 -32.87
N ILE A 964 -3.17 -18.11 -32.84
CA ILE A 964 -3.88 -16.94 -33.39
C ILE A 964 -4.19 -17.16 -34.89
N SER A 965 -3.21 -17.67 -35.66
CA SER A 965 -3.43 -17.91 -37.10
C SER A 965 -4.02 -19.34 -37.41
N LYS A 966 -4.46 -20.08 -36.37
CA LYS A 966 -5.15 -21.40 -36.45
C LYS A 966 -4.33 -22.52 -37.14
N GLY A 967 -3.02 -22.53 -36.91
CA GLY A 967 -2.08 -23.53 -37.41
C GLY A 967 -1.42 -23.18 -38.72
N ALA A 968 -1.96 -22.16 -39.42
CA ALA A 968 -1.48 -21.68 -40.72
C ALA A 968 0.01 -21.43 -40.77
N GLN A 969 0.64 -21.77 -41.90
CA GLN A 969 2.05 -21.50 -42.17
C GLN A 969 2.09 -20.01 -42.48
N GLU A 970 3.20 -19.33 -42.15
CA GLU A 970 3.34 -17.88 -42.38
C GLU A 970 2.21 -17.15 -41.61
N CYS A 971 2.37 -17.16 -40.27
CA CYS A 971 1.44 -16.66 -39.26
C CYS A 971 1.19 -15.16 -39.32
N THR A 972 2.21 -14.37 -39.66
CA THR A 972 2.07 -12.91 -39.71
C THR A 972 1.32 -12.44 -40.98
N LYS A 973 1.28 -13.29 -42.03
CA LYS A 973 0.62 -13.00 -43.32
C LYS A 973 -0.91 -13.27 -43.32
N THR A 974 -1.49 -13.72 -42.19
CA THR A 974 -2.92 -14.06 -42.10
C THR A 974 -3.85 -12.89 -41.72
N ARG A 975 -5.15 -13.05 -41.97
CA ARG A 975 -6.16 -12.04 -41.61
C ARG A 975 -6.43 -12.05 -40.08
N GLU A 976 -6.10 -13.19 -39.43
CA GLU A 976 -6.26 -13.32 -37.99
C GLU A 976 -5.14 -12.55 -37.28
N PHE A 977 -3.92 -12.55 -37.85
CA PHE A 977 -2.82 -11.76 -37.29
C PHE A 977 -3.04 -10.24 -37.44
N GLU A 978 -3.59 -9.80 -38.58
CA GLU A 978 -3.92 -8.41 -38.87
C GLU A 978 -4.95 -7.90 -37.88
N ARG A 979 -5.95 -8.75 -37.56
CA ARG A 979 -7.06 -8.48 -36.64
C ARG A 979 -6.53 -8.32 -35.22
N PHE A 980 -5.59 -9.18 -34.85
CA PHE A 980 -4.90 -9.19 -33.56
C PHE A 980 -4.07 -7.89 -33.39
N GLN A 981 -3.45 -7.39 -34.48
CA GLN A 981 -2.67 -6.16 -34.48
C GLN A 981 -3.56 -4.95 -34.23
N GLU A 982 -4.76 -4.92 -34.85
CA GLU A 982 -5.72 -3.83 -34.67
C GLU A 982 -6.16 -3.77 -33.23
N MET A 983 -6.28 -4.94 -32.57
CA MET A 983 -6.66 -5.06 -31.17
C MET A 983 -5.61 -4.38 -30.29
N CYS A 984 -4.34 -4.76 -30.49
CA CYS A 984 -3.18 -4.16 -29.81
C CYS A 984 -3.15 -2.65 -29.96
N TYR A 985 -3.33 -2.17 -31.23
CA TYR A 985 -3.31 -0.75 -31.60
C TYR A 985 -4.35 0.08 -30.85
N LYS A 986 -5.61 -0.38 -30.87
CA LYS A 986 -6.72 0.30 -30.20
C LYS A 986 -6.52 0.27 -28.67
N ALA A 987 -6.07 -0.88 -28.14
CA ALA A 987 -5.81 -1.11 -26.73
C ALA A 987 -4.73 -0.13 -26.28
N TYR A 988 -3.63 -0.04 -27.02
CA TYR A 988 -2.51 0.86 -26.75
C TYR A 988 -2.95 2.31 -26.69
N LEU A 989 -3.68 2.78 -27.73
CA LEU A 989 -4.15 4.16 -27.80
C LEU A 989 -5.22 4.48 -26.76
N ALA A 990 -6.09 3.49 -26.42
CA ALA A 990 -7.13 3.65 -25.38
C ALA A 990 -6.49 3.93 -24.03
N ILE A 991 -5.33 3.29 -23.72
CA ILE A 991 -4.62 3.50 -22.46
C ILE A 991 -3.90 4.85 -22.46
N ARG A 992 -3.27 5.20 -23.62
CA ARG A 992 -2.57 6.48 -23.82
C ARG A 992 -3.52 7.67 -23.62
N GLN A 993 -4.80 7.50 -24.04
CA GLN A 993 -5.87 8.49 -23.93
C GLN A 993 -6.30 8.70 -22.49
N HIS A 994 -5.96 7.73 -21.61
CA HIS A 994 -6.28 7.75 -20.18
C HIS A 994 -5.01 7.77 -19.33
N ALA A 995 -3.89 8.21 -19.91
CA ALA A 995 -2.56 8.25 -19.27
C ALA A 995 -2.51 9.01 -17.96
N ASN A 996 -3.32 10.09 -17.83
CA ASN A 996 -3.42 10.92 -16.62
C ASN A 996 -3.80 10.07 -15.43
N LEU A 997 -4.75 9.13 -15.63
CA LEU A 997 -5.21 8.24 -14.57
C LEU A 997 -4.06 7.41 -14.05
N PHE A 998 -3.42 6.60 -14.93
CA PHE A 998 -2.29 5.72 -14.60
C PHE A 998 -1.12 6.48 -14.00
N ILE A 999 -0.79 7.66 -14.55
CA ILE A 999 0.29 8.45 -13.94
C ILE A 999 -0.08 8.84 -12.51
N ASN A 1000 -1.34 9.28 -12.29
CA ASN A 1000 -1.80 9.67 -10.95
C ASN A 1000 -1.82 8.52 -9.98
N LEU A 1001 -2.31 7.35 -10.40
CA LEU A 1001 -2.36 6.15 -9.57
C LEU A 1001 -0.96 5.71 -9.07
N PHE A 1002 0.07 5.85 -9.94
CA PHE A 1002 1.47 5.56 -9.62
C PHE A 1002 2.08 6.65 -8.72
N SER A 1003 1.70 7.95 -8.96
CA SER A 1003 2.15 9.12 -8.18
C SER A 1003 1.63 9.06 -6.74
N MET A 1004 0.47 8.42 -6.56
CA MET A 1004 -0.17 8.28 -5.27
C MET A 1004 0.49 7.23 -4.42
N MET A 1005 1.29 6.36 -5.03
CA MET A 1005 1.98 5.24 -4.39
C MET A 1005 3.44 5.53 -4.01
N LEU A 1006 3.99 6.72 -4.30
CA LEU A 1006 5.40 7.03 -4.08
C LEU A 1006 5.96 6.84 -2.64
N GLY A 1007 5.10 6.99 -1.63
CA GLY A 1007 5.51 6.81 -0.23
C GLY A 1007 5.25 5.42 0.34
N SER A 1008 4.72 4.50 -0.52
CA SER A 1008 4.30 3.15 -0.11
C SER A 1008 5.41 2.26 0.42
N GLY A 1009 6.62 2.43 -0.07
CA GLY A 1009 7.74 1.59 0.34
C GLY A 1009 7.99 0.45 -0.63
N MET A 1010 7.36 0.52 -1.81
CA MET A 1010 7.51 -0.41 -2.91
C MET A 1010 8.89 -0.10 -3.54
N PRO A 1011 9.81 -1.09 -3.58
CA PRO A 1011 11.19 -0.80 -4.08
C PRO A 1011 11.28 -0.17 -5.47
N GLU A 1012 10.40 -0.61 -6.40
CA GLU A 1012 10.40 -0.13 -7.78
C GLU A 1012 9.49 1.11 -8.03
N LEU A 1013 9.07 1.80 -6.95
CA LEU A 1013 8.27 3.04 -7.01
C LEU A 1013 8.72 3.98 -5.86
N GLN A 1014 9.83 4.70 -6.07
CA GLN A 1014 10.39 5.59 -5.04
C GLN A 1014 10.38 7.04 -5.43
N SER A 1015 10.53 7.32 -6.74
CA SER A 1015 10.57 8.67 -7.26
C SER A 1015 9.67 8.83 -8.48
N PHE A 1016 9.48 10.08 -8.94
CA PHE A 1016 8.70 10.35 -10.15
C PHE A 1016 9.51 9.85 -11.37
N ASP A 1017 10.84 9.77 -11.22
CA ASP A 1017 11.79 9.24 -12.21
C ASP A 1017 11.47 7.76 -12.53
N ASP A 1018 10.89 7.03 -11.54
CA ASP A 1018 10.46 5.63 -11.75
C ASP A 1018 9.19 5.59 -12.61
N ILE A 1019 8.34 6.65 -12.53
CA ILE A 1019 7.07 6.79 -13.28
C ILE A 1019 7.34 7.20 -14.72
N ALA A 1020 8.47 7.87 -14.95
CA ALA A 1020 8.93 8.32 -16.28
C ALA A 1020 8.94 7.18 -17.32
N TYR A 1021 9.02 5.91 -16.85
CA TYR A 1021 8.94 4.73 -17.73
C TYR A 1021 7.63 4.63 -18.49
N ILE A 1022 6.46 4.91 -17.85
CA ILE A 1022 5.17 4.80 -18.56
C ILE A 1022 4.98 5.99 -19.49
N ARG A 1023 5.73 7.07 -19.24
CA ARG A 1023 5.71 8.26 -20.06
C ARG A 1023 6.43 7.90 -21.38
N LYS A 1024 7.48 7.06 -21.28
CA LYS A 1024 8.26 6.50 -22.39
C LYS A 1024 7.40 5.50 -23.19
N THR A 1025 6.89 4.43 -22.53
CA THR A 1025 6.06 3.41 -23.18
C THR A 1025 4.79 3.93 -23.77
N LEU A 1026 4.24 5.02 -23.21
CA LEU A 1026 3.03 5.65 -23.75
C LEU A 1026 3.37 6.79 -24.70
N ALA A 1027 4.69 7.04 -24.94
CA ALA A 1027 5.22 8.11 -25.79
C ALA A 1027 4.45 9.45 -25.56
N LEU A 1028 4.28 9.82 -24.28
CA LEU A 1028 3.53 11.00 -23.86
C LEU A 1028 4.07 12.36 -24.32
N ASP A 1029 5.37 12.46 -24.69
CA ASP A 1029 5.96 13.71 -25.20
C ASP A 1029 5.91 13.77 -26.75
N LYS A 1030 5.10 12.90 -27.40
CA LYS A 1030 4.95 12.81 -28.87
C LYS A 1030 3.50 13.00 -29.22
N THR A 1031 3.17 12.91 -30.52
CA THR A 1031 1.80 12.99 -31.00
C THR A 1031 1.24 11.56 -30.94
N GLU A 1032 -0.10 11.41 -30.85
CA GLU A 1032 -0.80 10.11 -30.83
C GLU A 1032 -0.35 9.17 -31.98
N GLN A 1033 -0.21 9.74 -33.21
CA GLN A 1033 0.25 9.06 -34.43
C GLN A 1033 1.71 8.60 -34.28
N GLU A 1034 2.60 9.46 -33.75
CA GLU A 1034 4.01 9.11 -33.50
C GLU A 1034 4.11 8.01 -32.42
N ALA A 1035 3.21 8.05 -31.42
CA ALA A 1035 3.16 7.07 -30.33
C ALA A 1035 2.76 5.68 -30.85
N LEU A 1036 1.79 5.60 -31.77
CA LEU A 1036 1.40 4.32 -32.37
C LEU A 1036 2.54 3.73 -33.20
N GLU A 1037 3.29 4.60 -33.94
CA GLU A 1037 4.46 4.25 -34.77
C GLU A 1037 5.53 3.61 -33.88
N TYR A 1038 5.75 4.24 -32.70
CA TYR A 1038 6.70 3.79 -31.68
C TYR A 1038 6.35 2.41 -31.15
N PHE A 1039 5.07 2.17 -30.79
CA PHE A 1039 4.59 0.87 -30.31
C PHE A 1039 4.82 -0.21 -31.36
N MET A 1040 4.48 0.10 -32.63
CA MET A 1040 4.68 -0.76 -33.80
C MET A 1040 6.18 -1.13 -33.93
N LYS A 1041 7.08 -0.13 -33.74
CA LYS A 1041 8.53 -0.30 -33.81
C LYS A 1041 9.07 -1.21 -32.73
N GLN A 1042 8.57 -1.08 -31.47
CA GLN A 1042 8.96 -1.94 -30.35
C GLN A 1042 8.45 -3.35 -30.63
N MET A 1043 7.23 -3.50 -31.17
CA MET A 1043 6.67 -4.81 -31.54
C MET A 1043 7.48 -5.47 -32.64
N ASN A 1044 7.85 -4.69 -33.67
CA ASN A 1044 8.67 -5.15 -34.79
C ASN A 1044 10.07 -5.56 -34.35
N ASP A 1045 10.79 -4.68 -33.62
CA ASP A 1045 12.12 -4.99 -33.08
C ASP A 1045 12.15 -6.29 -32.28
N ALA A 1046 11.15 -6.50 -31.40
CA ALA A 1046 11.02 -7.66 -30.51
C ALA A 1046 10.57 -8.95 -31.19
N HIS A 1047 9.77 -8.85 -32.26
CA HIS A 1047 9.26 -10.01 -32.99
C HIS A 1047 10.03 -10.34 -34.28
N HIS A 1048 10.99 -9.46 -34.69
CA HIS A 1048 11.85 -9.55 -35.88
C HIS A 1048 11.00 -9.52 -37.17
N GLY A 1049 10.14 -8.53 -37.28
CA GLY A 1049 9.26 -8.36 -38.42
C GLY A 1049 7.85 -8.85 -38.17
N GLY A 1050 6.94 -8.43 -39.06
CA GLY A 1050 5.52 -8.78 -38.97
C GLY A 1050 4.58 -7.64 -38.68
N TRP A 1051 5.09 -6.52 -38.13
CA TRP A 1051 4.31 -5.34 -37.74
C TRP A 1051 4.80 -4.06 -38.40
N THR A 1052 4.38 -3.80 -39.63
CA THR A 1052 4.75 -2.54 -40.28
C THR A 1052 3.57 -1.94 -41.03
N THR A 1053 3.30 -0.67 -40.75
CA THR A 1053 2.31 0.23 -41.32
C THR A 1053 0.95 -0.54 -41.64
N LYS A 1054 0.62 -0.79 -42.94
CA LYS A 1054 -0.61 -1.39 -43.51
C LYS A 1054 -1.62 -0.27 -43.83
N MET A 1055 -1.41 0.89 -43.19
CA MET A 1055 -2.05 2.18 -43.40
C MET A 1055 -0.97 2.93 -44.23
N ASP A 1056 -1.07 4.25 -44.41
CA ASP A 1056 -0.01 4.95 -45.12
C ASP A 1056 0.83 5.69 -44.08
N TRP A 1057 2.17 5.67 -44.17
CA TRP A 1057 3.04 6.33 -43.18
C TRP A 1057 2.82 7.84 -43.06
N ILE A 1058 2.45 8.50 -44.18
CA ILE A 1058 2.23 9.94 -44.31
C ILE A 1058 0.99 10.46 -43.52
N PHE A 1059 -0.19 9.84 -43.71
CA PHE A 1059 -1.44 10.27 -43.09
C PHE A 1059 -2.11 9.25 -42.13
N HIS A 1060 -1.69 7.95 -42.20
CA HIS A 1060 -2.13 6.79 -41.42
C HIS A 1060 -3.62 6.39 -41.70
N THR A 1061 -4.04 6.47 -42.99
CA THR A 1061 -5.38 6.11 -43.50
C THR A 1061 -5.29 4.78 -44.28
N ILE A 1062 -6.30 3.91 -44.15
CA ILE A 1062 -6.33 2.62 -44.83
C ILE A 1062 -7.51 2.54 -45.80
N GLN B 35 26.67 22.70 -31.30
CA GLN B 35 27.11 21.30 -31.40
C GLN B 35 28.45 21.04 -30.73
N ASP B 36 29.37 22.02 -30.78
CA ASP B 36 30.70 21.96 -30.16
C ASP B 36 30.71 22.60 -28.76
N ALA B 37 29.66 23.39 -28.42
CA ALA B 37 29.48 24.07 -27.12
C ALA B 37 29.42 23.05 -25.98
N GLU B 38 30.19 23.31 -24.89
CA GLU B 38 30.34 22.44 -23.71
C GLU B 38 29.03 22.18 -22.96
N TRP B 39 28.19 23.22 -22.81
CA TRP B 39 26.88 23.20 -22.15
C TRP B 39 25.78 22.55 -22.99
N TYR B 40 26.02 22.32 -24.29
CA TYR B 40 25.03 21.65 -25.14
C TYR B 40 25.23 20.15 -25.11
N TRP B 41 24.18 19.45 -24.69
CA TRP B 41 24.08 18.00 -24.64
C TRP B 41 22.98 17.74 -25.64
N GLY B 42 22.92 16.55 -26.21
CA GLY B 42 21.93 16.32 -27.26
C GLY B 42 20.64 15.73 -26.80
N ASP B 43 20.53 14.42 -27.03
CA ASP B 43 19.38 13.57 -26.74
C ASP B 43 19.34 13.09 -25.27
N ILE B 44 19.78 13.94 -24.32
CA ILE B 44 19.69 13.59 -22.91
C ILE B 44 18.27 13.91 -22.39
N SER B 45 17.71 13.00 -21.58
CA SER B 45 16.36 13.11 -21.02
C SER B 45 16.32 14.14 -19.90
N ARG B 46 15.11 14.60 -19.52
CA ARG B 46 14.86 15.53 -18.43
C ARG B 46 15.40 14.92 -17.11
N GLU B 47 15.35 13.58 -17.00
CA GLU B 47 15.82 12.82 -15.84
C GLU B 47 17.36 12.82 -15.77
N GLU B 48 18.04 12.86 -16.94
CA GLU B 48 19.50 12.87 -17.00
C GLU B 48 19.99 14.23 -16.52
N VAL B 49 19.35 15.32 -16.99
CA VAL B 49 19.61 16.71 -16.59
C VAL B 49 19.45 16.85 -15.06
N ASN B 50 18.38 16.23 -14.48
CA ASN B 50 18.09 16.23 -13.04
C ASN B 50 19.27 15.74 -12.24
N GLU B 51 19.83 14.56 -12.63
CA GLU B 51 21.00 13.97 -11.97
C GLU B 51 22.22 14.92 -12.04
N LYS B 52 22.44 15.60 -13.20
CA LYS B 52 23.53 16.57 -13.41
C LYS B 52 23.35 17.81 -12.52
N LEU B 53 22.10 18.29 -12.39
CA LEU B 53 21.76 19.48 -11.61
C LEU B 53 21.48 19.20 -10.13
N ARG B 54 21.44 17.91 -9.72
CA ARG B 54 21.20 17.50 -8.33
C ARG B 54 22.20 18.18 -7.40
N ASP B 55 21.67 18.97 -6.44
CA ASP B 55 22.37 19.73 -5.40
C ASP B 55 23.43 20.74 -5.92
N THR B 56 23.27 21.22 -7.17
CA THR B 56 24.18 22.21 -7.76
C THR B 56 23.84 23.63 -7.27
N ALA B 57 24.82 24.54 -7.38
CA ALA B 57 24.68 25.93 -6.99
C ALA B 57 23.86 26.70 -8.02
N ASP B 58 23.20 27.79 -7.58
CA ASP B 58 22.41 28.65 -8.46
C ASP B 58 23.32 29.19 -9.58
N GLY B 59 22.83 29.14 -10.80
CA GLY B 59 23.58 29.59 -11.96
C GLY B 59 23.96 28.44 -12.87
N THR B 60 24.03 27.20 -12.31
CA THR B 60 24.31 25.96 -13.03
C THR B 60 23.25 25.73 -14.12
N PHE B 61 23.70 25.58 -15.37
CA PHE B 61 22.84 25.42 -16.55
C PHE B 61 23.43 24.44 -17.56
N LEU B 62 22.59 24.00 -18.51
CA LEU B 62 22.89 23.12 -19.65
C LEU B 62 21.75 23.17 -20.67
N VAL B 63 22.09 23.02 -21.95
CA VAL B 63 21.10 23.05 -23.04
C VAL B 63 20.99 21.67 -23.64
N ARG B 64 19.77 21.22 -23.87
CA ARG B 64 19.50 19.93 -24.48
C ARG B 64 18.42 20.10 -25.55
N ASP B 65 18.09 19.02 -26.26
CA ASP B 65 17.03 19.03 -27.27
C ASP B 65 15.69 18.86 -26.53
N ALA B 66 14.65 19.62 -26.94
CA ALA B 66 13.32 19.54 -26.35
C ALA B 66 12.81 18.08 -26.35
N SER B 67 12.17 17.65 -25.22
CA SER B 67 11.63 16.30 -25.01
C SER B 67 10.70 15.81 -26.12
N THR B 68 10.15 16.76 -26.90
CA THR B 68 9.27 16.54 -28.04
C THR B 68 10.06 16.15 -29.31
N GLY B 72 10.59 25.53 -31.82
CA GLY B 72 10.94 24.96 -30.52
C GLY B 72 11.58 23.59 -30.62
N ASP B 73 12.93 23.56 -30.69
CA ASP B 73 13.73 22.34 -30.76
C ASP B 73 14.71 22.20 -29.59
N TYR B 74 14.86 23.26 -28.75
CA TYR B 74 15.79 23.26 -27.61
C TYR B 74 15.16 23.69 -26.29
N THR B 75 15.75 23.22 -25.18
CA THR B 75 15.35 23.47 -23.79
C THR B 75 16.57 23.81 -22.91
N LEU B 76 16.54 25.00 -22.30
CA LEU B 76 17.58 25.43 -21.36
C LEU B 76 17.09 25.03 -19.95
N THR B 77 18.01 24.54 -19.10
CA THR B 77 17.67 24.17 -17.72
C THR B 77 18.59 24.93 -16.78
N LEU B 78 18.00 25.74 -15.92
CA LEU B 78 18.75 26.58 -14.99
C LEU B 78 18.45 26.27 -13.53
N ARG B 79 19.51 26.13 -12.73
CA ARG B 79 19.40 25.87 -11.30
C ARG B 79 19.13 27.20 -10.55
N LYS B 80 17.96 27.33 -9.91
CA LYS B 80 17.59 28.54 -9.19
C LYS B 80 16.72 28.19 -7.99
N GLY B 81 17.11 28.67 -6.80
CA GLY B 81 16.41 28.45 -5.52
C GLY B 81 16.05 27.01 -5.20
N GLY B 82 17.03 26.10 -5.39
CA GLY B 82 16.92 24.67 -5.14
C GLY B 82 16.17 23.89 -6.20
N ASN B 83 15.65 24.60 -7.23
CA ASN B 83 14.86 24.04 -8.31
C ASN B 83 15.51 24.16 -9.67
N ASN B 84 15.06 23.31 -10.62
CA ASN B 84 15.52 23.26 -12.00
C ASN B 84 14.46 23.96 -12.86
N LYS B 85 14.81 25.11 -13.45
CA LYS B 85 13.89 25.92 -14.24
C LYS B 85 14.03 25.58 -15.72
N LEU B 86 12.93 25.18 -16.35
CA LEU B 86 12.91 24.81 -17.75
C LEU B 86 12.46 26.01 -18.55
N ILE B 87 13.36 26.56 -19.38
CA ILE B 87 13.12 27.74 -20.22
C ILE B 87 13.23 27.32 -21.69
N LYS B 88 12.13 27.45 -22.43
CA LYS B 88 12.12 27.08 -23.84
C LYS B 88 12.84 28.12 -24.70
N ILE B 89 13.66 27.65 -25.65
CA ILE B 89 14.36 28.45 -26.65
C ILE B 89 13.53 28.28 -27.94
N PHE B 90 12.93 29.37 -28.45
CA PHE B 90 12.08 29.35 -29.64
C PHE B 90 12.86 29.60 -30.93
N ASP B 93 11.85 31.02 -37.60
CA ASP B 93 11.87 32.37 -37.03
C ASP B 93 12.92 33.23 -37.73
N GLY B 94 14.12 32.64 -37.86
CA GLY B 94 15.31 33.30 -38.37
C GLY B 94 16.03 33.91 -37.18
N LYS B 95 15.38 33.87 -36.00
CA LYS B 95 15.90 34.39 -34.75
C LYS B 95 15.69 33.40 -33.58
N TYR B 96 16.48 33.56 -32.51
CA TYR B 96 16.37 32.73 -31.32
C TYR B 96 16.02 33.61 -30.13
N GLY B 97 15.32 33.04 -29.16
CA GLY B 97 14.90 33.75 -27.95
C GLY B 97 13.90 32.97 -27.14
N PHE B 98 13.52 33.53 -25.97
CA PHE B 98 12.56 32.91 -25.04
C PHE B 98 11.15 33.50 -25.19
N SER B 99 11.08 34.85 -25.17
CA SER B 99 9.90 35.71 -25.23
C SER B 99 8.98 35.39 -26.41
N PRO B 101 8.91 38.05 -29.47
CA PRO B 101 9.76 39.01 -30.19
C PRO B 101 11.24 38.62 -30.21
N LEU B 102 11.54 37.43 -30.82
CA LEU B 102 12.87 36.80 -30.95
C LEU B 102 13.91 37.68 -31.63
N THR B 103 15.16 37.69 -31.12
CA THR B 103 16.22 38.54 -31.68
C THR B 103 17.67 38.01 -31.39
N PHE B 104 18.00 36.79 -31.87
CA PHE B 104 19.34 36.20 -31.74
C PHE B 104 19.68 35.36 -32.96
N SER B 105 20.96 35.38 -33.38
CA SER B 105 21.44 34.67 -34.57
C SER B 105 21.55 33.15 -34.36
N SER B 106 22.08 32.74 -33.20
CA SER B 106 22.29 31.34 -32.86
C SER B 106 21.87 31.04 -31.41
N VAL B 107 22.04 29.78 -30.97
CA VAL B 107 21.75 29.32 -29.61
C VAL B 107 22.89 29.81 -28.71
N VAL B 108 24.15 29.72 -29.23
CA VAL B 108 25.39 30.16 -28.58
C VAL B 108 25.34 31.68 -28.28
N GLU B 109 24.76 32.48 -29.20
CA GLU B 109 24.60 33.93 -29.03
C GLU B 109 23.64 34.24 -27.87
N LEU B 110 22.48 33.51 -27.82
CA LEU B 110 21.44 33.62 -26.79
C LEU B 110 21.98 33.21 -25.41
N ILE B 111 22.77 32.12 -25.37
CA ILE B 111 23.36 31.61 -24.13
C ILE B 111 24.48 32.55 -23.61
N ASN B 112 25.53 32.80 -24.43
CA ASN B 112 26.67 33.67 -24.10
C ASN B 112 26.26 35.09 -23.68
N HIS B 113 25.12 35.58 -24.21
CA HIS B 113 24.56 36.89 -23.85
C HIS B 113 24.12 36.88 -22.39
N TYR B 114 23.38 35.83 -21.99
CA TYR B 114 22.88 35.65 -20.63
C TYR B 114 23.92 35.02 -19.68
N ARG B 115 25.05 34.58 -20.24
CA ARG B 115 26.17 34.03 -19.48
C ARG B 115 26.97 35.19 -18.82
N ASN B 116 26.89 36.41 -19.42
CA ASN B 116 27.54 37.62 -18.92
C ASN B 116 26.54 38.64 -18.35
N GLU B 117 25.26 38.56 -18.79
CA GLU B 117 24.17 39.44 -18.33
C GLU B 117 23.06 38.64 -17.61
N SER B 118 22.62 39.13 -16.43
CA SER B 118 21.54 38.54 -15.61
C SER B 118 20.27 38.32 -16.45
N LEU B 119 19.54 37.22 -16.17
CA LEU B 119 18.28 36.89 -16.86
C LEU B 119 17.13 37.83 -16.45
N ALA B 120 17.43 38.82 -15.57
CA ALA B 120 16.53 39.85 -15.05
C ALA B 120 15.91 40.71 -16.16
N GLN B 121 16.67 40.99 -17.24
CA GLN B 121 16.21 41.77 -18.40
C GLN B 121 15.05 41.09 -19.14
N TYR B 122 15.00 39.75 -19.08
CA TYR B 122 13.92 38.93 -19.62
C TYR B 122 12.84 38.81 -18.50
N ASN B 123 13.27 38.40 -17.26
CA ASN B 123 12.40 38.21 -16.10
C ASN B 123 13.15 38.04 -14.76
N PRO B 124 12.58 38.59 -13.65
CA PRO B 124 13.23 38.45 -12.35
C PRO B 124 12.27 37.74 -11.37
N ASP B 127 16.52 36.47 -13.12
CA ASP B 127 17.08 37.32 -12.06
C ASP B 127 18.49 36.87 -11.64
N VAL B 128 19.05 35.87 -12.35
CA VAL B 128 20.37 35.24 -12.11
C VAL B 128 21.10 35.07 -13.46
N LYS B 129 22.44 35.03 -13.46
CA LYS B 129 23.22 34.86 -14.69
C LYS B 129 23.49 33.37 -14.93
N LEU B 130 23.77 32.98 -16.20
CA LEU B 130 24.10 31.60 -16.54
C LEU B 130 25.57 31.36 -16.14
N LEU B 131 25.81 31.23 -14.82
CA LEU B 131 27.13 31.16 -14.19
C LEU B 131 27.96 29.90 -14.42
N TYR B 132 27.40 28.72 -14.13
CA TYR B 132 28.17 27.48 -14.18
C TYR B 132 27.66 26.46 -15.23
N PRO B 133 28.38 26.30 -16.36
CA PRO B 133 27.95 25.32 -17.37
C PRO B 133 28.31 23.89 -16.99
N VAL B 134 27.42 22.96 -17.30
CA VAL B 134 27.69 21.53 -17.09
C VAL B 134 28.42 21.16 -18.39
N SER B 135 29.74 20.98 -18.31
CA SER B 135 30.55 20.69 -19.49
C SER B 135 30.47 19.22 -19.90
N LYS B 136 30.32 18.97 -21.22
CA LYS B 136 30.29 17.61 -21.75
C LYS B 136 31.71 17.00 -21.82
N TYR B 137 32.69 17.74 -21.26
CA TYR B 137 34.12 17.41 -21.14
C TYR B 137 34.46 17.28 -19.64
N GLN B 138 35.19 16.21 -19.25
CA GLN B 138 35.56 15.94 -17.85
C GLN B 138 36.64 16.89 -17.34
N GLU B 145 40.79 5.39 -22.13
CA GLU B 145 41.29 4.31 -22.98
C GLU B 145 41.23 4.66 -24.46
N ASP B 146 42.15 4.08 -25.24
CA ASP B 146 42.32 4.38 -26.66
C ASP B 146 41.37 3.65 -27.62
N ASN B 147 41.32 2.31 -27.53
CA ASN B 147 40.58 1.40 -28.40
C ASN B 147 39.26 0.85 -27.82
N ILE B 148 38.38 0.31 -28.71
CA ILE B 148 37.10 -0.30 -28.36
C ILE B 148 37.35 -1.56 -27.48
N GLU B 149 38.46 -2.29 -27.75
CA GLU B 149 38.85 -3.48 -27.02
C GLU B 149 39.29 -3.18 -25.58
N ALA B 150 40.07 -2.10 -25.39
CA ALA B 150 40.55 -1.68 -24.08
C ALA B 150 39.37 -1.20 -23.23
N VAL B 151 38.47 -0.39 -23.82
CA VAL B 151 37.24 0.16 -23.22
C VAL B 151 36.29 -1.00 -22.83
N GLY B 152 36.06 -1.93 -23.76
CA GLY B 152 35.21 -3.10 -23.58
C GLY B 152 35.68 -3.98 -22.44
N LYS B 153 37.01 -4.21 -22.32
CA LYS B 153 37.60 -5.01 -21.25
C LYS B 153 37.47 -4.31 -19.88
N LYS B 154 37.57 -2.95 -19.87
CA LYS B 154 37.37 -2.16 -18.65
C LYS B 154 35.90 -2.18 -18.24
N LEU B 155 34.99 -2.15 -19.21
CA LEU B 155 33.55 -2.24 -18.96
C LEU B 155 33.19 -3.56 -18.33
N HIS B 156 33.68 -4.67 -18.90
CA HIS B 156 33.47 -6.01 -18.35
C HIS B 156 33.93 -6.09 -16.91
N GLU B 157 35.12 -5.50 -16.61
CA GLU B 157 35.70 -5.44 -15.25
C GLU B 157 34.81 -4.68 -14.27
N TYR B 158 34.45 -3.43 -14.61
CA TYR B 158 33.59 -2.62 -13.76
C TYR B 158 32.22 -3.24 -13.57
N ASN B 159 31.65 -3.83 -14.64
CA ASN B 159 30.34 -4.50 -14.59
C ASN B 159 30.36 -5.73 -13.70
N THR B 160 31.51 -6.38 -13.57
CA THR B 160 31.65 -7.55 -12.73
C THR B 160 31.72 -7.05 -11.30
N GLN B 161 32.64 -6.10 -11.01
CA GLN B 161 32.80 -5.46 -9.69
C GLN B 161 31.46 -4.90 -9.19
N PHE B 162 30.67 -4.28 -10.10
CA PHE B 162 29.38 -3.69 -9.75
C PHE B 162 28.34 -4.74 -9.40
N GLN B 163 28.20 -5.81 -10.21
CA GLN B 163 27.25 -6.89 -9.93
C GLN B 163 27.61 -7.59 -8.62
N GLU B 164 28.94 -7.79 -8.33
CA GLU B 164 29.43 -8.35 -7.07
C GLU B 164 28.95 -7.46 -5.92
N LYS B 165 29.38 -6.17 -5.92
CA LYS B 165 29.07 -5.16 -4.91
C LYS B 165 27.55 -4.94 -4.68
N SER B 166 26.73 -4.94 -5.74
CA SER B 166 25.29 -4.78 -5.57
C SER B 166 24.62 -6.01 -4.91
N ARG B 167 25.11 -7.25 -5.20
CA ARG B 167 24.61 -8.46 -4.56
C ARG B 167 25.00 -8.49 -3.07
N GLU B 168 26.20 -7.98 -2.73
CA GLU B 168 26.71 -7.91 -1.37
C GLU B 168 25.87 -6.91 -0.56
N TYR B 169 25.70 -5.69 -1.09
CA TYR B 169 24.89 -4.64 -0.47
C TYR B 169 23.46 -5.12 -0.16
N ASP B 170 22.82 -5.84 -1.09
CA ASP B 170 21.47 -6.38 -0.95
C ASP B 170 21.38 -7.41 0.20
N ARG B 171 22.46 -8.20 0.37
CA ARG B 171 22.56 -9.23 1.38
C ARG B 171 22.79 -8.59 2.73
N LEU B 172 23.50 -7.44 2.76
CA LEU B 172 23.77 -6.65 3.97
C LEU B 172 22.47 -6.03 4.44
N TYR B 173 21.62 -5.60 3.48
CA TYR B 173 20.32 -5.00 3.77
C TYR B 173 19.37 -6.00 4.40
N GLU B 174 19.33 -7.24 3.88
CA GLU B 174 18.51 -8.34 4.40
C GLU B 174 19.02 -8.73 5.80
N GLU B 175 20.34 -8.68 6.00
CA GLU B 175 20.96 -8.96 7.29
C GLU B 175 20.54 -7.86 8.27
N TYR B 176 20.56 -6.60 7.81
CA TYR B 176 20.20 -5.38 8.55
C TYR B 176 18.72 -5.40 8.98
N THR B 177 17.83 -5.72 8.03
CA THR B 177 16.38 -5.81 8.20
C THR B 177 15.99 -6.89 9.23
N ARG B 178 16.62 -8.06 9.17
CA ARG B 178 16.38 -9.19 10.05
C ARG B 178 16.86 -8.87 11.48
N THR B 179 18.07 -8.28 11.61
CA THR B 179 18.64 -7.84 12.89
C THR B 179 17.73 -6.77 13.51
N SER B 180 17.16 -5.88 12.68
CA SER B 180 16.23 -4.84 13.10
C SER B 180 14.93 -5.45 13.63
N GLN B 181 14.42 -6.50 12.94
CA GLN B 181 13.21 -7.23 13.33
C GLN B 181 13.42 -7.95 14.68
N GLU B 182 14.51 -8.72 14.80
CA GLU B 182 14.91 -9.44 15.99
C GLU B 182 15.11 -8.56 17.21
N ILE B 183 15.71 -7.35 17.05
CA ILE B 183 15.94 -6.39 18.14
C ILE B 183 14.58 -5.94 18.69
N GLN B 184 13.62 -5.68 17.79
CA GLN B 184 12.25 -5.28 18.09
C GLN B 184 11.53 -6.36 18.88
N MET B 185 11.73 -7.64 18.48
CA MET B 185 11.15 -8.83 19.12
C MET B 185 11.67 -8.98 20.56
N LYS B 186 13.01 -8.88 20.75
CA LYS B 186 13.69 -8.95 22.04
C LYS B 186 13.24 -7.86 23.02
N ARG B 187 13.13 -6.60 22.57
CA ARG B 187 12.65 -5.46 23.36
C ARG B 187 11.21 -5.69 23.89
N THR B 188 10.35 -6.33 23.07
CA THR B 188 8.96 -6.67 23.38
C THR B 188 8.88 -7.80 24.43
N ALA B 189 9.77 -8.78 24.30
CA ALA B 189 9.86 -9.92 25.21
C ALA B 189 10.40 -9.47 26.58
N ILE B 190 11.32 -8.48 26.60
CA ILE B 190 11.85 -7.92 27.86
C ILE B 190 10.73 -7.23 28.63
N GLU B 191 9.87 -6.46 27.91
CA GLU B 191 8.69 -5.77 28.45
C GLU B 191 7.69 -6.80 28.98
N ALA B 192 7.56 -7.96 28.31
CA ALA B 192 6.67 -9.02 28.73
C ALA B 192 7.20 -9.68 29.99
N PHE B 193 8.56 -9.89 30.09
CA PHE B 193 9.28 -10.42 31.27
C PHE B 193 9.10 -9.49 32.45
N ASN B 194 9.28 -8.17 32.24
CA ASN B 194 9.10 -7.14 33.31
C ASN B 194 7.72 -7.27 33.95
N GLU B 195 6.67 -7.40 33.11
CA GLU B 195 5.30 -7.54 33.56
C GLU B 195 5.06 -8.89 34.26
N THR B 196 5.72 -9.97 33.79
CA THR B 196 5.62 -11.32 34.33
C THR B 196 6.26 -11.38 35.73
N ILE B 197 7.47 -10.77 35.87
CA ILE B 197 8.24 -10.70 37.12
C ILE B 197 7.40 -9.93 38.17
N LYS B 198 6.74 -8.82 37.77
CA LYS B 198 5.88 -8.04 38.65
C LYS B 198 4.75 -8.89 39.26
N ILE B 199 4.12 -9.76 38.45
CA ILE B 199 3.01 -10.65 38.86
C ILE B 199 3.47 -11.71 39.85
N PHE B 200 4.61 -12.33 39.58
CA PHE B 200 5.19 -13.36 40.43
C PHE B 200 5.69 -12.79 41.75
N GLU B 201 6.07 -11.50 41.75
CA GLU B 201 6.47 -10.79 42.96
C GLU B 201 5.22 -10.42 43.76
N GLU B 202 4.11 -9.99 43.10
CA GLU B 202 2.82 -9.73 43.75
C GLU B 202 2.34 -11.03 44.44
N GLN B 203 2.63 -12.20 43.85
CA GLN B 203 2.27 -13.49 44.39
C GLN B 203 3.03 -13.85 45.64
N CYS B 204 4.29 -13.38 45.77
CA CYS B 204 5.11 -13.56 46.96
C CYS B 204 4.51 -12.69 48.05
N GLN B 205 4.32 -11.38 47.75
CA GLN B 205 3.73 -10.36 48.61
C GLN B 205 2.38 -10.86 49.15
N THR B 206 1.51 -11.41 48.26
CA THR B 206 0.20 -11.95 48.61
C THR B 206 0.36 -13.18 49.46
N GLN B 207 1.27 -14.11 49.10
CA GLN B 207 1.48 -15.32 49.91
C GLN B 207 1.91 -14.98 51.35
N GLU B 208 2.84 -14.01 51.50
CA GLU B 208 3.37 -13.53 52.77
C GLU B 208 2.20 -13.02 53.62
N ARG B 209 1.50 -11.95 53.14
CA ARG B 209 0.33 -11.32 53.76
C ARG B 209 -0.72 -12.31 54.28
N TYR B 210 -1.06 -13.35 53.49
CA TYR B 210 -2.09 -14.33 53.85
C TYR B 210 -1.62 -15.45 54.75
N SER B 211 -0.35 -15.85 54.66
CA SER B 211 0.13 -16.97 55.47
C SER B 211 0.62 -16.55 56.86
N LYS B 212 1.07 -15.27 57.04
CA LYS B 212 1.59 -14.72 58.30
C LYS B 212 0.78 -15.17 59.54
N GLU B 213 -0.53 -14.83 59.59
CA GLU B 213 -1.40 -15.23 60.70
C GLU B 213 -1.63 -16.75 60.76
N TYR B 214 -1.69 -17.44 59.60
CA TYR B 214 -1.90 -18.88 59.57
C TYR B 214 -0.70 -19.64 60.11
N ILE B 215 0.54 -19.20 59.82
CA ILE B 215 1.74 -19.86 60.34
C ILE B 215 1.90 -19.61 61.87
N GLU B 216 1.44 -18.42 62.37
CA GLU B 216 1.43 -18.06 63.80
C GLU B 216 0.51 -19.04 64.52
N LYS B 217 -0.68 -19.29 63.94
CA LYS B 217 -1.68 -20.23 64.45
C LYS B 217 -1.13 -21.64 64.54
N PHE B 218 -0.57 -22.20 63.42
CA PHE B 218 0.00 -23.55 63.36
C PHE B 218 1.20 -23.78 64.29
N LYS B 219 2.00 -22.72 64.55
CA LYS B 219 3.18 -22.77 65.44
C LYS B 219 2.71 -23.20 66.85
N ARG B 220 1.63 -22.56 67.35
CA ARG B 220 0.99 -22.85 68.63
C ARG B 220 0.44 -24.27 68.67
N GLU B 221 -0.20 -24.70 67.58
CA GLU B 221 -0.88 -26.00 67.42
C GLU B 221 0.02 -27.24 67.17
N GLY B 222 1.34 -27.03 67.13
CA GLY B 222 2.32 -28.09 66.88
C GLY B 222 2.16 -28.79 65.54
N ASN B 223 1.51 -28.13 64.56
CA ASN B 223 1.30 -28.65 63.21
C ASN B 223 2.44 -28.12 62.35
N GLU B 224 3.64 -28.70 62.56
CA GLU B 224 4.86 -28.33 61.85
C GLU B 224 4.83 -28.85 60.43
N LYS B 225 4.13 -29.98 60.18
CA LYS B 225 4.00 -30.57 58.83
C LYS B 225 3.23 -29.67 57.86
N GLU B 226 2.27 -28.89 58.39
CA GLU B 226 1.47 -27.93 57.62
C GLU B 226 2.30 -26.70 57.28
N ILE B 227 3.16 -26.25 58.24
CA ILE B 227 4.08 -25.11 58.10
C ILE B 227 5.03 -25.43 56.93
N GLN B 228 5.53 -26.69 56.89
CA GLN B 228 6.45 -27.23 55.88
C GLN B 228 5.84 -27.27 54.48
N ARG B 229 4.50 -27.36 54.39
CA ARG B 229 3.72 -27.37 53.16
C ARG B 229 3.66 -25.94 52.56
N ILE B 230 3.31 -24.93 53.38
CA ILE B 230 3.24 -23.51 53.02
C ILE B 230 4.62 -23.02 52.56
N MET B 231 5.68 -23.44 53.26
CA MET B 231 7.05 -23.05 52.96
C MET B 231 7.56 -23.68 51.67
N HIS B 232 7.27 -24.96 51.44
CA HIS B 232 7.67 -25.68 50.24
C HIS B 232 7.07 -25.02 48.97
N ASN B 233 5.81 -24.55 49.07
CA ASN B 233 5.11 -23.87 47.98
C ASN B 233 5.76 -22.52 47.71
N TYR B 234 5.99 -21.75 48.78
CA TYR B 234 6.64 -20.44 48.74
C TYR B 234 8.06 -20.54 48.15
N ASP B 235 8.78 -21.64 48.41
CA ASP B 235 10.11 -21.87 47.86
C ASP B 235 10.00 -22.14 46.37
N LYS B 236 9.01 -22.98 45.95
CA LYS B 236 8.68 -23.32 44.55
C LYS B 236 8.42 -21.98 43.80
N LEU B 237 7.70 -21.07 44.45
CA LEU B 237 7.41 -19.74 43.95
C LEU B 237 8.67 -18.88 43.76
N LYS B 238 9.56 -18.81 44.77
CA LYS B 238 10.79 -18.03 44.74
C LYS B 238 11.79 -18.52 43.71
N SER B 239 11.90 -19.86 43.53
CA SER B 239 12.77 -20.50 42.55
C SER B 239 12.35 -20.06 41.17
N ARG B 240 11.02 -20.03 40.94
CA ARG B 240 10.40 -19.68 39.69
C ARG B 240 10.65 -18.19 39.35
N ILE B 241 10.58 -17.27 40.32
CA ILE B 241 10.92 -15.86 40.10
C ILE B 241 12.39 -15.71 39.76
N SER B 242 13.22 -16.56 40.35
CA SER B 242 14.67 -16.59 40.12
C SER B 242 14.94 -17.03 38.67
N GLU B 243 14.21 -18.07 38.20
CA GLU B 243 14.29 -18.60 36.84
C GLU B 243 13.88 -17.57 35.79
N ILE B 244 12.78 -16.82 36.05
CA ILE B 244 12.25 -15.79 35.14
C ILE B 244 13.21 -14.57 35.08
N ILE B 245 13.72 -14.11 36.24
CA ILE B 245 14.66 -12.98 36.38
C ILE B 245 15.95 -13.25 35.56
N ASP B 246 16.46 -14.50 35.64
CA ASP B 246 17.66 -15.00 34.96
C ASP B 246 17.42 -15.02 33.45
N SER B 247 16.26 -15.58 33.02
CA SER B 247 15.80 -15.60 31.64
C SER B 247 15.76 -14.19 31.04
N ARG B 248 15.24 -13.18 31.79
CA ARG B 248 15.20 -11.78 31.34
C ARG B 248 16.61 -11.21 31.25
N ARG B 249 17.47 -11.56 32.20
CA ARG B 249 18.87 -11.11 32.27
C ARG B 249 19.65 -11.63 31.06
N ARG B 250 19.46 -12.91 30.71
CA ARG B 250 20.10 -13.56 29.56
C ARG B 250 19.66 -12.93 28.24
N LEU B 251 18.36 -12.56 28.13
CA LEU B 251 17.83 -11.88 26.95
C LEU B 251 18.37 -10.44 26.85
N GLU B 252 18.58 -9.78 28.01
CA GLU B 252 19.11 -8.42 28.06
C GLU B 252 20.54 -8.40 27.52
N GLU B 253 21.31 -9.50 27.75
CA GLU B 253 22.67 -9.71 27.25
C GLU B 253 22.60 -9.81 25.73
N ASP B 254 21.80 -10.78 25.22
CA ASP B 254 21.57 -11.06 23.80
C ASP B 254 21.24 -9.78 23.03
N LEU B 255 20.38 -8.92 23.62
CA LEU B 255 19.96 -7.65 23.05
C LEU B 255 21.13 -6.68 22.92
N LYS B 256 21.97 -6.56 23.96
CA LYS B 256 23.13 -5.68 23.97
C LYS B 256 24.13 -6.11 22.88
N LYS B 257 24.32 -7.44 22.73
CA LYS B 257 25.15 -8.06 21.72
C LYS B 257 24.60 -7.74 20.33
N GLN B 258 23.32 -8.10 20.05
CA GLN B 258 22.65 -7.89 18.76
C GLN B 258 22.46 -6.42 18.41
N ALA B 259 22.43 -5.54 19.42
CA ALA B 259 22.30 -4.10 19.18
C ALA B 259 23.62 -3.58 18.62
N ALA B 260 24.74 -4.12 19.11
CA ALA B 260 26.10 -3.82 18.68
C ALA B 260 26.34 -4.42 17.28
N GLU B 261 25.72 -5.57 16.99
CA GLU B 261 25.82 -6.24 15.68
C GLU B 261 25.08 -5.44 14.59
N TYR B 262 23.97 -4.77 14.94
CA TYR B 262 23.16 -3.92 14.07
C TYR B 262 23.97 -2.67 13.69
N ARG B 263 24.64 -2.07 14.70
CA ARG B 263 25.48 -0.88 14.64
C ARG B 263 26.62 -1.09 13.61
N GLU B 264 27.24 -2.27 13.64
CA GLU B 264 28.30 -2.66 12.72
C GLU B 264 27.76 -2.92 11.32
N ILE B 265 26.54 -3.53 11.21
CA ILE B 265 25.89 -3.78 9.91
C ILE B 265 25.62 -2.44 9.22
N ASP B 266 25.11 -1.44 9.99
CA ASP B 266 24.84 -0.07 9.53
C ASP B 266 26.16 0.62 9.10
N LYS B 267 27.26 0.40 9.85
CA LYS B 267 28.60 0.94 9.54
C LYS B 267 29.10 0.39 8.21
N ARG B 268 29.04 -0.95 8.03
CA ARG B 268 29.41 -1.64 6.79
C ARG B 268 28.65 -1.06 5.58
N MET B 269 27.34 -0.85 5.71
CA MET B 269 26.45 -0.33 4.65
C MET B 269 26.78 1.09 4.28
N ASN B 270 27.14 1.92 5.29
CA ASN B 270 27.47 3.33 5.08
C ASN B 270 28.81 3.52 4.32
N SER B 271 29.68 2.50 4.36
CA SER B 271 30.96 2.47 3.68
C SER B 271 30.84 1.99 2.25
N ILE B 272 29.95 1.01 1.98
CA ILE B 272 29.84 0.46 0.63
C ILE B 272 28.81 1.21 -0.23
N LYS B 273 27.83 1.91 0.40
CA LYS B 273 26.83 2.73 -0.31
C LYS B 273 27.52 3.75 -1.24
N PRO B 274 28.50 4.58 -0.79
CA PRO B 274 29.15 5.54 -1.72
C PRO B 274 29.97 4.91 -2.84
N ASP B 275 30.64 3.77 -2.56
CA ASP B 275 31.44 3.05 -3.55
C ASP B 275 30.55 2.45 -4.62
N LEU B 276 29.39 1.92 -4.21
CA LEU B 276 28.42 1.32 -5.10
C LEU B 276 27.90 2.35 -6.10
N ILE B 277 27.64 3.60 -5.62
CA ILE B 277 27.17 4.71 -6.43
C ILE B 277 28.20 5.11 -7.47
N GLN B 278 29.49 5.30 -7.07
CA GLN B 278 30.56 5.70 -7.99
C GLN B 278 30.89 4.63 -9.03
N LEU B 279 30.91 3.34 -8.60
CA LEU B 279 31.19 2.19 -9.46
C LEU B 279 30.13 2.12 -10.55
N ARG B 280 28.84 2.37 -10.20
CA ARG B 280 27.71 2.39 -11.13
C ARG B 280 27.81 3.56 -12.12
N LYS B 281 28.37 4.70 -11.69
CA LYS B 281 28.54 5.87 -12.54
C LYS B 281 29.67 5.61 -13.57
N THR B 282 30.75 4.94 -13.13
CA THR B 282 31.90 4.51 -13.93
C THR B 282 31.43 3.47 -14.96
N ARG B 283 30.75 2.39 -14.48
CA ARG B 283 30.17 1.34 -15.31
C ARG B 283 29.31 2.00 -16.42
N ASP B 284 28.40 2.92 -16.04
CA ASP B 284 27.55 3.68 -16.98
C ASP B 284 28.35 4.63 -17.90
N GLN B 285 29.50 5.16 -17.42
CA GLN B 285 30.37 6.04 -18.23
C GLN B 285 31.01 5.23 -19.35
N TYR B 286 31.48 4.01 -19.03
CA TYR B 286 32.07 3.09 -20.00
C TYR B 286 31.07 2.59 -21.05
N LEU B 287 29.80 2.37 -20.67
CA LEU B 287 28.75 1.96 -21.63
C LEU B 287 28.57 3.05 -22.67
N MET B 288 28.57 4.33 -22.23
CA MET B 288 28.46 5.55 -23.05
C MET B 288 29.58 5.68 -24.04
N TRP B 289 30.83 5.49 -23.59
CA TRP B 289 32.00 5.59 -24.46
C TRP B 289 32.06 4.45 -25.45
N LEU B 290 31.52 3.28 -25.09
CA LEU B 290 31.45 2.12 -25.94
C LEU B 290 30.42 2.33 -27.04
N THR B 291 29.25 2.95 -26.72
CA THR B 291 28.22 3.24 -27.73
C THR B 291 28.80 4.23 -28.75
N GLN B 292 29.44 5.30 -28.27
CA GLN B 292 30.05 6.36 -29.08
C GLN B 292 31.23 5.86 -29.97
N LYS B 293 32.08 4.98 -29.42
CA LYS B 293 33.21 4.38 -30.13
C LYS B 293 32.76 3.39 -31.21
N GLY B 294 31.58 2.79 -31.00
CA GLY B 294 30.98 1.83 -31.92
C GLY B 294 30.17 2.49 -33.02
N VAL B 295 29.81 1.69 -34.06
CA VAL B 295 29.00 2.11 -35.22
C VAL B 295 27.61 2.49 -34.71
N ARG B 296 27.13 3.68 -35.11
CA ARG B 296 25.85 4.24 -34.69
C ARG B 296 24.81 4.26 -35.83
N GLN B 297 23.52 3.97 -35.50
CA GLN B 297 22.35 3.92 -36.38
C GLN B 297 22.50 4.61 -37.75
#